data_6QLG
#
_entry.id   6QLG
#
_cell.length_a   102.000
_cell.length_b   102.000
_cell.length_c   276.690
_cell.angle_alpha   90.000
_cell.angle_beta   90.000
_cell.angle_gamma   90.000
#
_symmetry.space_group_name_H-M   'P 43 21 2'
#
loop_
_entity.id
_entity.type
_entity.pdbx_description
1 polymer 'Flavin prenyltransferase PAD1, mitochondrial'
2 non-polymer 'DIMETHYLALLYL DIPHOSPHATE'
3 non-polymer 'FLAVIN MONONUCLEOTIDE'
4 non-polymer 'PHOSPHATE ION'
5 non-polymer DI(HYDROXYETHYL)ETHER
6 water water
#
_entity_poly.entity_id   1
_entity_poly.type   'polypeptide(L)'
_entity_poly.pdbx_seq_one_letter_code
;MFNSLLSGTTTPNSGRASPPASEMPIDNDHVAVARPAPRRRRIVVAMTGATGAMLGIKVLIALRRLNVETHLVMSKWAEA
TIKYETDYHPSNVRALADYVHNINDMAAPVSSGSFRADGMIVVPCSMKTLAAIHSGFCDDLISRTADVMLKERRRLVLVA
RETPLSEIHLRNMLEVTRAGAVIFPPVPAFYIKAGSIEDLIDQSVGRMLDLFDLDTGDFERWNGWEK
;
_entity_poly.pdbx_strand_id   C,A,B,D,E,F
#
loop_
_chem_comp.id
_chem_comp.type
_chem_comp.name
_chem_comp.formula
DMA non-polymer 'DIMETHYLALLYL DIPHOSPHATE' 'C5 H12 O7 P2'
FMN non-polymer 'FLAVIN MONONUCLEOTIDE' 'C17 H21 N4 O9 P'
PEG non-polymer DI(HYDROXYETHYL)ETHER 'C4 H10 O3'
PO4 non-polymer 'PHOSPHATE ION' 'O4 P -3'
#
# COMPACT_ATOMS: atom_id res chain seq x y z
N ARG A 39 43.43 -17.68 1.78
CA ARG A 39 42.93 -17.77 0.42
C ARG A 39 41.42 -18.04 0.40
N ARG A 40 40.86 -18.30 1.58
CA ARG A 40 39.45 -18.64 1.68
C ARG A 40 38.59 -17.39 1.71
N ARG A 41 37.37 -17.53 1.21
CA ARG A 41 36.41 -16.43 1.27
C ARG A 41 36.10 -16.10 2.73
N ARG A 42 35.93 -14.80 3.01
CA ARG A 42 35.55 -14.35 4.34
C ARG A 42 34.11 -13.84 4.32
N ILE A 43 33.33 -14.23 5.31
CA ILE A 43 31.98 -13.73 5.49
C ILE A 43 31.76 -13.40 6.96
N VAL A 44 31.29 -12.18 7.23
CA VAL A 44 30.94 -11.77 8.58
C VAL A 44 29.53 -12.23 8.88
N VAL A 45 29.37 -12.97 9.98
CA VAL A 45 28.05 -13.41 10.45
C VAL A 45 27.75 -12.64 11.73
N ALA A 46 26.68 -11.85 11.69
CA ALA A 46 26.24 -11.05 12.83
C ALA A 46 24.89 -11.56 13.31
N MET A 47 24.76 -11.75 14.61
CA MET A 47 23.50 -12.16 15.22
C MET A 47 23.02 -11.05 16.15
N THR A 48 21.72 -10.75 16.07
CA THR A 48 21.11 -9.71 16.90
C THR A 48 19.93 -10.30 17.65
N GLY A 49 19.34 -9.49 18.53
CA GLY A 49 18.32 -9.97 19.44
C GLY A 49 16.91 -10.07 18.89
N ALA A 50 16.78 -10.52 17.65
CA ALA A 50 15.47 -10.92 17.13
C ALA A 50 15.30 -12.42 17.32
N THR A 51 14.04 -12.84 17.45
CA THR A 51 13.79 -14.27 17.56
C THR A 51 14.17 -14.97 16.26
N GLY A 52 14.74 -16.16 16.37
CA GLY A 52 15.26 -16.87 15.22
C GLY A 52 16.76 -17.10 15.32
N ALA A 53 17.25 -17.27 16.55
CA ALA A 53 18.69 -17.48 16.75
C ALA A 53 19.19 -18.71 16.02
N MET A 54 18.34 -19.74 15.88
CA MET A 54 18.77 -20.96 15.19
C MET A 54 19.10 -20.71 13.73
N LEU A 55 18.54 -19.66 13.13
CA LEU A 55 18.91 -19.31 11.76
C LEU A 55 20.39 -18.94 11.67
N GLY A 56 20.87 -18.12 12.62
CA GLY A 56 22.27 -17.75 12.61
C GLY A 56 23.19 -18.90 12.94
N ILE A 57 22.77 -19.78 13.87
CA ILE A 57 23.56 -20.95 14.21
C ILE A 57 23.70 -21.85 12.98
N LYS A 58 22.60 -22.09 12.27
CA LYS A 58 22.65 -22.94 11.09
C LYS A 58 23.43 -22.28 9.96
N VAL A 59 23.41 -20.94 9.88
CA VAL A 59 24.23 -20.25 8.88
C VAL A 59 25.71 -20.51 9.15
N LEU A 60 26.12 -20.43 10.41
CA LEU A 60 27.50 -20.71 10.77
C LEU A 60 27.88 -22.14 10.40
N ILE A 61 27.01 -23.10 10.71
CA ILE A 61 27.29 -24.50 10.40
C ILE A 61 27.39 -24.71 8.90
N ALA A 62 26.45 -24.12 8.14
CA ALA A 62 26.48 -24.27 6.69
C ALA A 62 27.74 -23.64 6.10
N LEU A 63 28.12 -22.46 6.59
CA LEU A 63 29.30 -21.78 6.05
C LEU A 63 30.58 -22.55 6.38
N ARG A 64 30.64 -23.16 7.56
CA ARG A 64 31.80 -23.97 7.91
C ARG A 64 31.94 -25.15 6.97
N ARG A 65 30.83 -25.80 6.63
CA ARG A 65 30.86 -26.93 5.73
C ARG A 65 31.28 -26.53 4.32
N LEU A 66 31.05 -25.28 3.94
CA LEU A 66 31.43 -24.79 2.62
C LEU A 66 32.85 -24.20 2.60
N ASN A 67 33.63 -24.43 3.65
CA ASN A 67 35.03 -23.97 3.73
C ASN A 67 35.11 -22.44 3.59
N VAL A 68 34.21 -21.75 4.28
CA VAL A 68 34.21 -20.29 4.31
C VAL A 68 34.71 -19.84 5.68
N GLU A 69 35.64 -18.89 5.69
CA GLU A 69 36.17 -18.33 6.93
C GLU A 69 35.15 -17.34 7.49
N THR A 70 34.58 -17.68 8.65
CA THR A 70 33.51 -16.90 9.25
C THR A 70 34.05 -16.04 10.38
N HIS A 71 33.51 -14.83 10.48
CA HIS A 71 33.83 -13.88 11.54
C HIS A 71 32.52 -13.54 12.25
N LEU A 72 32.39 -13.97 13.50
CA LEU A 72 31.16 -13.89 14.24
C LEU A 72 31.15 -12.67 15.15
N VAL A 73 30.04 -11.93 15.14
CA VAL A 73 29.75 -10.91 16.14
C VAL A 73 28.34 -11.15 16.64
N MET A 74 28.18 -11.21 17.95
CA MET A 74 26.89 -11.42 18.59
C MET A 74 26.55 -10.21 19.44
N SER A 75 25.34 -9.69 19.28
CA SER A 75 24.88 -8.63 20.17
C SER A 75 24.56 -9.19 21.55
N LYS A 76 24.41 -8.29 22.50
CA LYS A 76 24.09 -8.71 23.86
C LYS A 76 22.75 -9.41 23.93
N TRP A 77 21.74 -8.88 23.22
CA TRP A 77 20.43 -9.52 23.23
C TRP A 77 20.36 -10.73 22.32
N ALA A 78 21.29 -10.86 21.36
CA ALA A 78 21.41 -12.12 20.63
C ALA A 78 21.82 -13.25 21.56
N GLU A 79 22.78 -12.99 22.46
CA GLU A 79 23.20 -14.01 23.40
C GLU A 79 22.08 -14.44 24.32
N ALA A 80 21.24 -13.49 24.75
CA ALA A 80 20.11 -13.83 25.60
C ALA A 80 19.06 -14.65 24.84
N THR A 81 18.81 -14.31 23.58
CA THR A 81 17.84 -15.09 22.81
C THR A 81 18.38 -16.48 22.49
N ILE A 82 19.69 -16.59 22.24
CA ILE A 82 20.29 -17.90 22.01
C ILE A 82 20.04 -18.81 23.21
N LYS A 83 20.32 -18.31 24.41
CA LYS A 83 20.11 -19.11 25.61
C LYS A 83 18.66 -19.49 25.79
N TYR A 84 17.75 -18.56 25.50
CA TYR A 84 16.35 -18.77 25.86
C TYR A 84 15.65 -19.75 24.92
N GLU A 85 15.77 -19.53 23.61
CA GLU A 85 14.96 -20.29 22.66
C GLU A 85 15.72 -21.43 21.99
N THR A 86 17.00 -21.63 22.29
CA THR A 86 17.75 -22.76 21.75
C THR A 86 18.41 -23.54 22.88
N ASP A 87 18.92 -24.72 22.53
CA ASP A 87 19.71 -25.52 23.46
C ASP A 87 21.17 -25.12 23.48
N TYR A 88 21.58 -24.18 22.63
CA TYR A 88 22.96 -23.75 22.58
C TYR A 88 23.25 -22.71 23.66
N HIS A 89 24.48 -22.68 24.11
CA HIS A 89 25.03 -21.57 24.86
C HIS A 89 25.85 -20.69 23.92
N PRO A 90 25.92 -19.38 24.16
CA PRO A 90 26.74 -18.51 23.31
C PRO A 90 28.15 -19.01 23.10
N SER A 91 28.74 -19.70 24.09
CA SER A 91 30.07 -20.26 23.90
C SER A 91 30.07 -21.39 22.89
N ASN A 92 28.99 -22.17 22.81
CA ASN A 92 28.88 -23.17 21.75
C ASN A 92 28.80 -22.51 20.39
N VAL A 93 28.10 -21.37 20.31
CA VAL A 93 27.98 -20.67 19.03
C VAL A 93 29.33 -20.11 18.60
N ARG A 94 30.08 -19.53 19.54
CA ARG A 94 31.41 -19.02 19.21
C ARG A 94 32.33 -20.13 18.72
N ALA A 95 32.13 -21.36 19.20
CA ALA A 95 32.96 -22.48 18.76
C ALA A 95 32.67 -22.88 17.31
N LEU A 96 31.51 -22.50 16.76
CA LEU A 96 31.19 -22.79 15.37
C LEU A 96 31.86 -21.84 14.40
N ALA A 97 32.41 -20.73 14.88
CA ALA A 97 33.00 -19.71 14.02
C ALA A 97 34.52 -19.80 14.03
N ASP A 98 35.14 -19.31 12.96
CA ASP A 98 36.60 -19.28 12.89
C ASP A 98 37.16 -18.15 13.73
N TYR A 99 36.50 -17.00 13.73
CA TYR A 99 36.94 -15.85 14.53
C TYR A 99 35.71 -15.20 15.16
N VAL A 100 35.91 -14.69 16.37
CA VAL A 100 34.86 -14.02 17.12
C VAL A 100 35.38 -12.64 17.51
N HIS A 101 34.55 -11.62 17.33
CA HIS A 101 34.89 -10.26 17.71
C HIS A 101 33.84 -9.71 18.67
N ASN A 102 34.29 -8.86 19.59
CA ASN A 102 33.41 -8.31 20.61
C ASN A 102 32.50 -7.25 20.03
N ILE A 103 31.26 -7.22 20.52
CA ILE A 103 30.23 -6.34 19.97
C ILE A 103 30.62 -4.86 20.13
N ASN A 104 31.42 -4.54 21.13
CA ASN A 104 31.77 -3.16 21.43
C ASN A 104 33.19 -2.81 21.01
N ASP A 105 33.87 -3.70 20.28
CA ASP A 105 35.25 -3.48 19.88
C ASP A 105 35.25 -2.84 18.50
N MET A 106 35.18 -1.51 18.48
CA MET A 106 35.24 -0.76 17.22
C MET A 106 36.62 -0.80 16.56
N ALA A 107 37.60 -1.42 17.20
CA ALA A 107 38.93 -1.58 16.63
C ALA A 107 39.15 -2.98 16.07
N ALA A 108 38.11 -3.82 16.03
CA ALA A 108 38.25 -5.15 15.47
C ALA A 108 38.60 -5.07 13.99
N PRO A 109 39.25 -6.11 13.44
CA PRO A 109 39.68 -6.03 12.03
C PRO A 109 38.55 -5.79 11.04
N VAL A 110 37.38 -6.41 11.25
CA VAL A 110 36.29 -6.27 10.31
C VAL A 110 35.66 -4.88 10.28
N SER A 111 36.04 -4.01 11.23
N SER A 111 36.03 -4.02 11.23
CA SER A 111 35.49 -2.67 11.33
CA SER A 111 35.44 -2.68 11.29
C SER A 111 36.03 -1.71 10.29
C SER A 111 36.02 -1.71 10.28
N SER A 112 37.02 -2.12 9.49
CA SER A 112 37.67 -1.24 8.53
C SER A 112 37.47 -1.77 7.11
N GLY A 113 37.22 -0.83 6.18
CA GLY A 113 37.10 -1.19 4.79
C GLY A 113 38.37 -1.77 4.19
N SER A 114 39.52 -1.47 4.78
CA SER A 114 40.78 -2.04 4.31
C SER A 114 40.87 -3.53 4.60
N PHE A 115 40.05 -4.05 5.50
CA PHE A 115 40.03 -5.47 5.79
C PHE A 115 39.29 -6.21 4.68
N ARG A 116 39.95 -7.21 4.10
CA ARG A 116 39.36 -7.97 3.00
C ARG A 116 38.23 -8.85 3.51
N ALA A 117 37.05 -8.72 2.90
CA ALA A 117 35.90 -9.54 3.24
C ALA A 117 34.97 -9.56 2.05
N ASP A 118 34.25 -10.68 1.90
CA ASP A 118 33.43 -10.91 0.72
C ASP A 118 31.94 -10.68 0.97
N GLY A 119 31.54 -10.38 2.19
CA GLY A 119 30.14 -10.13 2.47
C GLY A 119 29.82 -10.27 3.94
N MET A 120 28.57 -9.96 4.26
CA MET A 120 28.09 -9.97 5.62
C MET A 120 26.61 -10.34 5.62
N ILE A 121 26.21 -11.17 6.58
CA ILE A 121 24.81 -11.51 6.79
C ILE A 121 24.48 -11.26 8.25
N VAL A 122 23.41 -10.52 8.51
CA VAL A 122 22.89 -10.28 9.85
C VAL A 122 21.69 -11.20 10.02
N VAL A 123 21.84 -12.23 10.84
CA VAL A 123 20.83 -13.29 10.91
C VAL A 123 20.74 -13.84 12.34
N PRO A 124 19.62 -13.62 13.04
CA PRO A 124 18.52 -12.77 12.56
C PRO A 124 18.81 -11.29 12.78
N CYS A 125 18.10 -10.43 12.07
CA CYS A 125 18.31 -8.98 12.16
C CYS A 125 17.09 -8.34 12.83
N SER A 126 17.33 -7.70 13.97
CA SER A 126 16.26 -6.99 14.65
C SER A 126 15.91 -5.71 13.91
N MET A 127 14.75 -5.14 14.26
CA MET A 127 14.39 -3.83 13.72
C MET A 127 15.33 -2.75 14.22
N LYS A 128 15.81 -2.88 15.46
CA LYS A 128 16.75 -1.91 16.01
C LYS A 128 18.03 -1.85 15.17
N THR A 129 18.58 -3.01 14.83
CA THR A 129 19.82 -3.03 14.04
C THR A 129 19.56 -2.66 12.59
N LEU A 130 18.40 -3.05 12.05
CA LEU A 130 17.99 -2.54 10.73
C LEU A 130 17.99 -1.02 10.72
N ALA A 131 17.46 -0.40 11.78
CA ALA A 131 17.40 1.05 11.83
C ALA A 131 18.77 1.67 12.04
N ALA A 132 19.64 1.01 12.82
CA ALA A 132 21.00 1.50 12.99
C ALA A 132 21.73 1.55 11.65
N ILE A 133 21.53 0.52 10.81
CA ILE A 133 22.19 0.50 9.51
C ILE A 133 21.57 1.51 8.56
N HIS A 134 20.23 1.59 8.55
CA HIS A 134 19.57 2.58 7.69
C HIS A 134 19.94 4.00 8.10
N SER A 135 19.89 4.29 9.40
CA SER A 135 20.20 5.64 9.87
C SER A 135 21.68 5.97 9.72
N GLY A 136 22.54 4.95 9.77
CA GLY A 136 23.97 5.16 9.80
C GLY A 136 24.56 5.29 11.18
N PHE A 137 23.75 5.21 12.24
CA PHE A 137 24.22 5.29 13.62
C PHE A 137 24.96 3.99 13.94
N CYS A 138 26.23 3.96 13.55
N CYS A 138 26.23 3.96 13.55
CA CYS A 138 27.03 2.73 13.63
CA CYS A 138 27.03 2.73 13.63
C CYS A 138 27.89 2.76 14.90
C CYS A 138 27.89 2.76 14.90
N ASP A 139 27.23 2.56 16.03
CA ASP A 139 27.88 2.66 17.34
C ASP A 139 28.19 1.30 17.96
N ASP A 140 28.02 0.20 17.22
CA ASP A 140 28.57 -1.09 17.65
C ASP A 140 29.19 -1.77 16.44
N LEU A 141 29.88 -2.89 16.69
CA LEU A 141 30.63 -3.55 15.63
C LEU A 141 29.73 -4.10 14.53
N ILE A 142 28.51 -4.50 14.87
CA ILE A 142 27.61 -5.04 13.86
C ILE A 142 27.17 -3.93 12.89
N SER A 143 26.68 -2.82 13.45
CA SER A 143 26.21 -1.74 12.58
C SER A 143 27.37 -1.09 11.83
N ARG A 144 28.53 -0.96 12.48
CA ARG A 144 29.68 -0.36 11.81
C ARG A 144 30.20 -1.24 10.68
N THR A 145 30.28 -2.55 10.91
CA THR A 145 30.74 -3.44 9.84
C THR A 145 29.75 -3.45 8.69
N ALA A 146 28.44 -3.44 8.98
CA ALA A 146 27.45 -3.32 7.92
C ALA A 146 27.59 -1.99 7.18
N ASP A 147 27.80 -0.90 7.93
CA ASP A 147 28.07 0.40 7.31
C ASP A 147 29.27 0.32 6.37
N VAL A 148 30.30 -0.43 6.77
CA VAL A 148 31.50 -0.57 5.95
C VAL A 148 31.22 -1.41 4.71
N MET A 149 30.45 -2.49 4.87
CA MET A 149 30.12 -3.32 3.72
C MET A 149 29.40 -2.52 2.65
N LEU A 150 28.48 -1.64 3.05
CA LEU A 150 27.74 -0.85 2.07
C LEU A 150 28.64 0.12 1.33
N LYS A 151 29.54 0.80 2.05
CA LYS A 151 30.39 1.79 1.38
C LYS A 151 31.43 1.13 0.47
N GLU A 152 31.88 -0.08 0.81
CA GLU A 152 32.81 -0.82 -0.03
C GLU A 152 32.10 -1.65 -1.09
N ARG A 153 30.77 -1.59 -1.16
CA ARG A 153 29.98 -2.25 -2.20
C ARG A 153 30.07 -3.78 -2.09
N ARG A 154 30.08 -4.29 -0.86
CA ARG A 154 30.06 -5.72 -0.62
C ARG A 154 28.65 -6.18 -0.27
N ARG A 155 28.37 -7.44 -0.56
CA ARG A 155 27.05 -8.00 -0.32
C ARG A 155 26.70 -7.97 1.16
N LEU A 156 25.55 -7.36 1.47
CA LEU A 156 25.04 -7.29 2.83
C LEU A 156 23.61 -7.83 2.82
N VAL A 157 23.36 -8.87 3.62
CA VAL A 157 22.05 -9.50 3.69
C VAL A 157 21.53 -9.34 5.12
N LEU A 158 20.34 -8.75 5.24
CA LEU A 158 19.69 -8.53 6.52
C LEU A 158 18.47 -9.44 6.62
N VAL A 159 18.55 -10.44 7.48
CA VAL A 159 17.42 -11.33 7.72
C VAL A 159 16.48 -10.65 8.72
N ALA A 160 15.82 -9.58 8.25
CA ALA A 160 15.01 -8.72 9.12
C ALA A 160 13.73 -9.45 9.51
N ARG A 161 13.59 -9.74 10.80
CA ARG A 161 12.47 -10.52 11.31
C ARG A 161 11.60 -9.62 12.20
N GLU A 162 10.37 -9.37 11.76
CA GLU A 162 9.39 -8.62 12.54
C GLU A 162 8.05 -8.74 11.85
N THR A 163 6.97 -8.83 12.64
CA THR A 163 5.63 -8.81 12.07
C THR A 163 4.64 -8.38 13.13
N PRO A 164 3.61 -7.59 12.78
CA PRO A 164 3.49 -6.94 11.47
C PRO A 164 4.50 -5.81 11.33
N LEU A 165 4.55 -5.17 10.17
CA LEU A 165 5.52 -4.12 9.88
C LEU A 165 4.83 -2.77 9.92
N SER A 166 5.47 -1.80 10.58
CA SER A 166 5.00 -0.42 10.57
C SER A 166 5.58 0.31 9.37
N GLU A 167 5.15 1.56 9.19
CA GLU A 167 5.72 2.39 8.14
C GLU A 167 7.20 2.68 8.41
N ILE A 168 7.59 2.72 9.68
CA ILE A 168 9.00 2.92 10.02
C ILE A 168 9.84 1.76 9.52
N HIS A 169 9.41 0.53 9.82
CA HIS A 169 10.15 -0.66 9.39
C HIS A 169 10.28 -0.69 7.87
N LEU A 170 9.17 -0.45 7.16
CA LEU A 170 9.18 -0.58 5.70
C LEU A 170 9.99 0.52 5.04
N ARG A 171 9.92 1.74 5.58
CA ARG A 171 10.78 2.81 5.08
C ARG A 171 12.24 2.44 5.23
N ASN A 172 12.62 1.89 6.39
CA ASN A 172 14.00 1.50 6.61
C ASN A 172 14.42 0.38 5.66
N MET A 173 13.53 -0.58 5.43
CA MET A 173 13.83 -1.68 4.53
C MET A 173 14.00 -1.19 3.09
N LEU A 174 13.09 -0.33 2.63
CA LEU A 174 13.15 0.17 1.26
C LEU A 174 14.41 1.00 1.04
N GLU A 175 14.69 1.93 1.96
CA GLU A 175 15.80 2.85 1.75
C GLU A 175 17.16 2.19 1.97
N VAL A 176 17.25 1.22 2.88
CA VAL A 176 18.53 0.50 2.99
C VAL A 176 18.73 -0.43 1.82
N THR A 177 17.63 -0.91 1.21
CA THR A 177 17.75 -1.68 -0.03
C THR A 177 18.34 -0.82 -1.14
N ARG A 178 17.86 0.41 -1.28
CA ARG A 178 18.39 1.31 -2.30
C ARG A 178 19.86 1.62 -2.05
N ALA A 179 20.29 1.62 -0.78
CA ALA A 179 21.69 1.81 -0.45
C ALA A 179 22.54 0.58 -0.72
N GLY A 180 21.93 -0.56 -1.02
CA GLY A 180 22.70 -1.74 -1.40
C GLY A 180 22.39 -3.02 -0.63
N ALA A 181 21.61 -2.93 0.44
CA ALA A 181 21.36 -4.10 1.27
C ALA A 181 20.25 -4.97 0.67
N VAL A 182 20.25 -6.24 1.06
CA VAL A 182 19.22 -7.19 0.65
C VAL A 182 18.42 -7.56 1.89
N ILE A 183 17.11 -7.31 1.84
CA ILE A 183 16.20 -7.67 2.93
C ILE A 183 15.68 -9.08 2.68
N PHE A 184 15.90 -9.97 3.66
CA PHE A 184 15.52 -11.38 3.56
C PHE A 184 14.67 -11.73 4.78
N PRO A 185 13.36 -11.48 4.73
CA PRO A 185 12.49 -11.93 5.81
C PRO A 185 12.46 -13.45 5.84
N PRO A 186 12.67 -14.05 7.01
CA PRO A 186 12.73 -15.53 7.07
C PRO A 186 11.33 -16.15 7.07
N VAL A 187 10.68 -16.08 5.92
CA VAL A 187 9.34 -16.65 5.76
C VAL A 187 9.45 -18.07 5.25
N PRO A 188 8.72 -19.02 5.82
CA PRO A 188 8.91 -20.44 5.45
C PRO A 188 8.45 -20.72 4.03
N ALA A 189 9.12 -21.68 3.39
CA ALA A 189 8.77 -22.13 2.05
C ALA A 189 8.02 -23.45 2.19
N PHE A 190 6.71 -23.37 2.41
CA PHE A 190 5.90 -24.56 2.64
C PHE A 190 5.80 -25.45 1.40
N TYR A 191 6.14 -24.93 0.22
CA TYR A 191 6.02 -25.72 -1.01
C TYR A 191 7.03 -26.86 -1.07
N ILE A 192 8.04 -26.86 -0.20
CA ILE A 192 8.97 -27.98 -0.14
C ILE A 192 8.37 -29.21 0.54
N LYS A 193 7.15 -29.09 1.07
CA LYS A 193 6.48 -30.18 1.79
C LYS A 193 7.39 -30.74 2.88
N ALA A 194 7.72 -29.86 3.81
CA ALA A 194 8.69 -30.18 4.86
C ALA A 194 8.09 -31.13 5.89
N GLY A 195 8.95 -31.92 6.52
CA GLY A 195 8.56 -32.83 7.56
C GLY A 195 8.85 -32.35 8.97
N SER A 196 9.44 -31.17 9.13
CA SER A 196 9.80 -30.67 10.45
C SER A 196 10.17 -29.19 10.33
N ILE A 197 10.29 -28.53 11.48
CA ILE A 197 10.74 -27.14 11.52
C ILE A 197 12.14 -27.02 10.94
N GLU A 198 12.99 -28.01 11.22
CA GLU A 198 14.38 -27.95 10.77
C GLU A 198 14.47 -27.97 9.25
N ASP A 199 13.58 -28.71 8.58
CA ASP A 199 13.56 -28.71 7.12
C ASP A 199 13.33 -27.31 6.56
N LEU A 200 12.38 -26.58 7.15
CA LEU A 200 12.08 -25.23 6.67
C LEU A 200 13.22 -24.27 6.98
N ILE A 201 13.87 -24.42 8.14
CA ILE A 201 15.01 -23.58 8.46
C ILE A 201 16.16 -23.86 7.50
N ASP A 202 16.41 -25.14 7.22
CA ASP A 202 17.48 -25.49 6.28
C ASP A 202 17.25 -24.87 4.92
N GLN A 203 16.00 -24.84 4.46
CA GLN A 203 15.70 -24.24 3.17
C GLN A 203 15.95 -22.73 3.19
N SER A 204 15.55 -22.07 4.28
CA SER A 204 15.78 -20.63 4.39
C SER A 204 17.28 -20.33 4.39
N VAL A 205 18.05 -21.10 5.17
CA VAL A 205 19.50 -20.90 5.23
C VAL A 205 20.12 -21.07 3.85
N GLY A 206 19.71 -22.11 3.12
CA GLY A 206 20.28 -22.33 1.79
C GLY A 206 19.96 -21.20 0.83
N ARG A 207 18.74 -20.66 0.92
CA ARG A 207 18.34 -19.54 0.07
C ARG A 207 19.07 -18.26 0.47
N MET A 208 19.33 -18.09 1.77
CA MET A 208 20.17 -16.98 2.23
C MET A 208 21.53 -17.02 1.56
N LEU A 209 22.18 -18.17 1.60
CA LEU A 209 23.55 -18.28 1.09
C LEU A 209 23.59 -18.27 -0.44
N ASP A 210 22.46 -18.48 -1.11
CA ASP A 210 22.39 -18.28 -2.55
C ASP A 210 22.80 -16.87 -2.93
N LEU A 211 22.52 -15.88 -2.06
CA LEU A 211 22.86 -14.50 -2.35
C LEU A 211 24.36 -14.24 -2.28
N PHE A 212 25.14 -15.18 -1.74
CA PHE A 212 26.60 -15.12 -1.79
C PHE A 212 27.16 -16.08 -2.83
N ASP A 213 26.32 -16.59 -3.73
N ASP A 213 26.33 -16.58 -3.74
CA ASP A 213 26.73 -17.56 -4.75
CA ASP A 213 26.73 -17.56 -4.75
C ASP A 213 27.31 -18.82 -4.11
C ASP A 213 27.33 -18.80 -4.08
N LEU A 214 26.64 -19.30 -3.05
CA LEU A 214 27.04 -20.51 -2.36
C LEU A 214 25.88 -21.50 -2.41
N ASP A 215 26.20 -22.78 -2.56
CA ASP A 215 25.22 -23.84 -2.67
C ASP A 215 25.43 -24.82 -1.52
N THR A 216 24.57 -24.74 -0.50
CA THR A 216 24.63 -25.71 0.58
C THR A 216 24.29 -27.10 0.09
N GLY A 217 23.50 -27.20 -0.98
CA GLY A 217 23.04 -28.49 -1.48
C GLY A 217 22.24 -29.30 -0.48
N ASP A 218 21.76 -28.67 0.58
N ASP A 218 21.74 -28.64 0.56
CA ASP A 218 21.04 -29.38 1.63
CA ASP A 218 21.06 -29.30 1.67
C ASP A 218 19.55 -29.09 1.63
C ASP A 218 19.54 -29.16 1.59
N PHE A 219 19.02 -28.61 0.50
CA PHE A 219 17.58 -28.41 0.36
C PHE A 219 17.20 -28.66 -1.10
N GLU A 220 15.91 -28.90 -1.31
CA GLU A 220 15.39 -29.22 -2.64
C GLU A 220 14.98 -27.94 -3.35
N ARG A 221 15.66 -27.64 -4.45
CA ARG A 221 15.31 -26.48 -5.26
C ARG A 221 14.09 -26.80 -6.11
N TRP A 222 13.33 -25.75 -6.43
CA TRP A 222 12.10 -25.93 -7.19
C TRP A 222 12.39 -26.35 -8.62
N ASN A 223 11.63 -27.34 -9.10
CA ASN A 223 11.77 -27.85 -10.46
C ASN A 223 10.42 -28.18 -11.06
N GLY A 224 9.36 -27.52 -10.61
CA GLY A 224 8.01 -27.82 -11.05
C GLY A 224 7.29 -28.73 -10.08
N TRP A 225 6.01 -28.98 -10.39
CA TRP A 225 5.17 -29.85 -9.57
C TRP A 225 5.83 -31.22 -9.39
N ARG B 39 -25.97 -9.86 12.65
CA ARG B 39 -25.42 -9.24 13.85
C ARG B 39 -24.00 -9.72 14.12
N ARG B 40 -23.60 -10.78 13.43
CA ARG B 40 -22.26 -11.31 13.57
C ARG B 40 -21.26 -10.49 12.76
N ARG B 41 -20.02 -10.44 13.25
CA ARG B 41 -18.96 -9.77 12.53
C ARG B 41 -18.63 -10.54 11.25
N ARG B 42 -18.38 -9.79 10.18
CA ARG B 42 -18.04 -10.36 8.88
C ARG B 42 -16.58 -10.04 8.55
N ILE B 43 -15.83 -11.06 8.14
CA ILE B 43 -14.46 -10.88 7.70
C ILE B 43 -14.27 -11.61 6.38
N VAL B 44 -13.75 -10.90 5.38
CA VAL B 44 -13.43 -11.51 4.10
C VAL B 44 -12.07 -12.18 4.20
N VAL B 45 -12.00 -13.45 3.83
CA VAL B 45 -10.77 -14.22 3.83
C VAL B 45 -10.42 -14.51 2.38
N ALA B 46 -9.30 -13.97 1.91
CA ALA B 46 -8.83 -14.18 0.55
C ALA B 46 -7.54 -14.97 0.57
N MET B 47 -7.48 -16.01 -0.26
CA MET B 47 -6.28 -16.83 -0.41
C MET B 47 -5.73 -16.65 -1.82
N THR B 48 -4.42 -16.45 -1.92
CA THR B 48 -3.73 -16.29 -3.19
C THR B 48 -2.64 -17.34 -3.32
N GLY B 49 -2.03 -17.38 -4.51
CA GLY B 49 -1.09 -18.43 -4.85
C GLY B 49 0.32 -18.26 -4.31
N ALA B 50 0.46 -17.68 -3.12
CA ALA B 50 1.73 -17.71 -2.41
C ALA B 50 1.80 -18.99 -1.58
N THR B 51 3.01 -19.49 -1.40
CA THR B 51 3.18 -20.68 -0.56
C THR B 51 2.76 -20.35 0.86
N GLY B 52 2.12 -21.31 1.52
CA GLY B 52 1.57 -21.08 2.84
C GLY B 52 0.06 -21.18 2.88
N ALA B 53 -0.51 -22.09 2.08
CA ALA B 53 -1.95 -22.25 2.05
C ALA B 53 -2.52 -22.62 3.42
N MET B 54 -1.74 -23.38 4.22
CA MET B 54 -2.21 -23.76 5.55
C MET B 54 -2.47 -22.54 6.44
N LEU B 55 -1.78 -21.43 6.19
CA LEU B 55 -2.05 -20.21 6.94
C LEU B 55 -3.49 -19.75 6.74
N GLY B 56 -3.97 -19.76 5.50
CA GLY B 56 -5.34 -19.36 5.24
C GLY B 56 -6.35 -20.36 5.76
N ILE B 57 -6.04 -21.65 5.64
CA ILE B 57 -6.94 -22.68 6.16
C ILE B 57 -7.12 -22.52 7.66
N LYS B 58 -6.02 -22.29 8.38
CA LYS B 58 -6.12 -22.16 9.84
C LYS B 58 -6.78 -20.86 10.25
N VAL B 59 -6.71 -19.83 9.41
CA VAL B 59 -7.44 -18.60 9.70
C VAL B 59 -8.94 -18.85 9.63
N LEU B 60 -9.39 -19.59 8.60
CA LEU B 60 -10.81 -19.90 8.48
C LEU B 60 -11.30 -20.72 9.66
N ILE B 61 -10.50 -21.67 10.12
CA ILE B 61 -10.88 -22.49 11.26
C ILE B 61 -10.95 -21.65 12.53
N ALA B 62 -9.97 -20.77 12.72
CA ALA B 62 -9.94 -19.95 13.93
C ALA B 62 -11.09 -18.95 13.96
N LEU B 63 -11.44 -18.38 12.82
CA LEU B 63 -12.53 -17.40 12.79
C LEU B 63 -13.88 -18.09 13.00
N ARG B 64 -14.05 -19.30 12.47
CA ARG B 64 -15.26 -20.07 12.74
C ARG B 64 -15.41 -20.33 14.24
N ARG B 65 -14.30 -20.70 14.89
CA ARG B 65 -14.30 -20.90 16.33
C ARG B 65 -14.73 -19.64 17.08
N LEU B 66 -14.45 -18.47 16.52
CA LEU B 66 -14.76 -17.19 17.16
C LEU B 66 -16.11 -16.62 16.74
N ASN B 67 -16.95 -17.43 16.07
CA ASN B 67 -18.28 -17.00 15.65
C ASN B 67 -18.23 -15.78 14.72
N VAL B 68 -17.24 -15.77 13.83
CA VAL B 68 -17.11 -14.73 12.82
C VAL B 68 -17.65 -15.28 11.50
N GLU B 69 -18.53 -14.51 10.85
CA GLU B 69 -19.06 -14.90 9.55
C GLU B 69 -18.00 -14.64 8.50
N THR B 70 -17.49 -15.71 7.89
CA THR B 70 -16.39 -15.61 6.95
C THR B 70 -16.87 -15.68 5.51
N HIS B 71 -16.28 -14.84 4.66
CA HIS B 71 -16.55 -14.83 3.23
C HIS B 71 -15.25 -15.14 2.50
N LEU B 72 -15.17 -16.32 1.89
CA LEU B 72 -13.94 -16.83 1.31
C LEU B 72 -13.89 -16.56 -0.18
N VAL B 73 -12.75 -16.07 -0.65
CA VAL B 73 -12.42 -16.00 -2.07
C VAL B 73 -11.05 -16.64 -2.25
N MET B 74 -10.93 -17.53 -3.24
CA MET B 74 -9.68 -18.20 -3.55
C MET B 74 -9.30 -17.91 -5.00
N SER B 75 -8.04 -17.56 -5.21
CA SER B 75 -7.57 -17.35 -6.57
C SER B 75 -7.29 -18.70 -7.23
N LYS B 76 -7.07 -18.65 -8.55
CA LYS B 76 -6.75 -19.86 -9.30
C LYS B 76 -5.52 -20.57 -8.73
N TRP B 77 -4.46 -19.80 -8.47
CA TRP B 77 -3.22 -20.41 -8.01
C TRP B 77 -3.25 -20.72 -6.52
N ALA B 78 -4.16 -20.11 -5.77
CA ALA B 78 -4.40 -20.56 -4.39
C ALA B 78 -4.94 -21.98 -4.38
N GLU B 79 -5.85 -22.30 -5.29
CA GLU B 79 -6.38 -23.67 -5.37
C GLU B 79 -5.27 -24.66 -5.71
N ALA B 80 -4.38 -24.28 -6.63
CA ALA B 80 -3.25 -25.15 -6.97
C ALA B 80 -2.33 -25.34 -5.78
N THR B 81 -2.08 -24.28 -5.02
CA THR B 81 -1.19 -24.37 -3.87
C THR B 81 -1.80 -25.21 -2.75
N ILE B 82 -3.11 -25.05 -2.52
CA ILE B 82 -3.80 -25.87 -1.54
C ILE B 82 -3.62 -27.35 -1.86
N LYS B 83 -3.87 -27.72 -3.12
CA LYS B 83 -3.75 -29.12 -3.53
C LYS B 83 -2.33 -29.65 -3.33
N TYR B 84 -1.33 -28.83 -3.65
CA TYR B 84 0.05 -29.31 -3.65
C TYR B 84 0.65 -29.35 -2.24
N GLU B 85 0.33 -28.37 -1.41
CA GLU B 85 1.00 -28.20 -0.12
C GLU B 85 0.27 -28.85 1.04
N THR B 86 -1.02 -29.12 0.90
CA THR B 86 -1.84 -29.60 2.00
C THR B 86 -2.54 -30.88 1.60
N ASP B 87 -3.16 -31.53 2.58
CA ASP B 87 -4.04 -32.65 2.33
C ASP B 87 -5.47 -32.22 2.06
N TYR B 88 -5.72 -30.92 2.04
CA TYR B 88 -7.04 -30.39 1.73
C TYR B 88 -7.24 -30.30 0.22
N HIS B 89 -8.46 -30.49 -0.18
CA HIS B 89 -8.94 -30.12 -1.50
C HIS B 89 -9.70 -28.80 -1.41
N PRO B 90 -9.68 -27.96 -2.44
CA PRO B 90 -10.41 -26.68 -2.37
C PRO B 90 -11.85 -26.81 -1.90
N SER B 91 -12.53 -27.90 -2.24
CA SER B 91 -13.89 -28.10 -1.74
C SER B 91 -13.90 -28.25 -0.22
N ASN B 92 -12.86 -28.88 0.35
CA ASN B 92 -12.75 -28.97 1.80
C ASN B 92 -12.56 -27.59 2.42
N VAL B 93 -11.76 -26.74 1.78
CA VAL B 93 -11.53 -25.40 2.30
C VAL B 93 -12.80 -24.56 2.22
N ARG B 94 -13.55 -24.69 1.13
CA ARG B 94 -14.79 -23.93 0.98
C ARG B 94 -15.80 -24.30 2.05
N ALA B 95 -15.78 -25.56 2.51
CA ALA B 95 -16.69 -25.96 3.58
C ALA B 95 -16.35 -25.32 4.91
N LEU B 96 -15.11 -24.82 5.08
CA LEU B 96 -14.72 -24.13 6.30
C LEU B 96 -15.29 -22.73 6.40
N ALA B 97 -15.83 -22.19 5.31
CA ALA B 97 -16.32 -20.82 5.28
C ALA B 97 -17.84 -20.79 5.26
N ASP B 98 -18.40 -19.69 5.77
CA ASP B 98 -19.84 -19.51 5.73
C ASP B 98 -20.31 -19.19 4.32
N TYR B 99 -19.53 -18.41 3.58
CA TYR B 99 -19.88 -18.01 2.22
C TYR B 99 -18.63 -18.04 1.35
N VAL B 100 -18.81 -18.42 0.09
CA VAL B 100 -17.73 -18.50 -0.89
C VAL B 100 -18.16 -17.75 -2.13
N HIS B 101 -17.28 -16.90 -2.65
CA HIS B 101 -17.56 -16.10 -3.84
C HIS B 101 -16.54 -16.40 -4.92
N ASN B 102 -17.01 -16.42 -6.17
CA ASN B 102 -16.16 -16.73 -7.32
C ASN B 102 -15.17 -15.59 -7.56
N ILE B 103 -13.91 -15.95 -7.82
CA ILE B 103 -12.86 -14.95 -8.04
C ILE B 103 -13.19 -14.06 -9.22
N ASN B 104 -13.94 -14.55 -10.20
CA ASN B 104 -14.30 -13.78 -11.38
C ASN B 104 -15.59 -13.00 -11.23
N ASP B 105 -16.27 -13.12 -10.09
CA ASP B 105 -17.61 -12.54 -9.92
C ASP B 105 -17.47 -11.14 -9.32
N MET B 106 -17.33 -10.15 -10.19
CA MET B 106 -17.24 -8.75 -9.77
C MET B 106 -18.56 -8.19 -9.28
N ALA B 107 -19.65 -8.96 -9.37
CA ALA B 107 -20.94 -8.55 -8.83
C ALA B 107 -21.26 -9.23 -7.50
N ALA B 108 -20.27 -9.90 -6.90
CA ALA B 108 -20.47 -10.53 -5.61
C ALA B 108 -20.75 -9.46 -4.55
N PRO B 109 -21.44 -9.82 -3.47
CA PRO B 109 -21.80 -8.80 -2.47
C PRO B 109 -20.61 -8.06 -1.89
N VAL B 110 -19.49 -8.74 -1.63
CA VAL B 110 -18.35 -8.12 -0.99
C VAL B 110 -17.64 -7.09 -1.86
N SER B 111 -17.97 -7.04 -3.16
N SER B 111 -17.96 -7.03 -3.16
CA SER B 111 -17.34 -6.13 -4.10
CA SER B 111 -17.27 -6.10 -4.04
C SER B 111 -17.79 -4.68 -3.92
C SER B 111 -17.83 -4.68 -3.97
N SER B 112 -18.84 -4.43 -3.16
CA SER B 112 -19.43 -3.10 -3.01
C SER B 112 -19.16 -2.55 -1.62
N GLY B 113 -18.84 -1.25 -1.56
CA GLY B 113 -18.66 -0.57 -0.29
C GLY B 113 -19.92 -0.50 0.53
N SER B 114 -21.09 -0.59 -0.11
CA SER B 114 -22.35 -0.63 0.62
C SER B 114 -22.51 -1.91 1.42
N PHE B 115 -21.72 -2.94 1.12
CA PHE B 115 -21.80 -4.20 1.85
C PHE B 115 -21.10 -4.07 3.20
N ARG B 116 -21.82 -4.42 4.26
CA ARG B 116 -21.29 -4.28 5.61
C ARG B 116 -20.25 -5.36 5.87
N ALA B 117 -19.08 -4.95 6.38
CA ALA B 117 -18.01 -5.87 6.71
C ALA B 117 -17.02 -5.16 7.63
N ASP B 118 -16.34 -5.93 8.47
CA ASP B 118 -15.41 -5.38 9.45
C ASP B 118 -13.96 -5.43 9.01
N GLY B 119 -13.64 -6.17 7.97
CA GLY B 119 -12.27 -6.20 7.49
C GLY B 119 -12.04 -7.35 6.54
N MET B 120 -10.78 -7.44 6.10
CA MET B 120 -10.37 -8.40 5.10
C MET B 120 -8.93 -8.80 5.38
N ILE B 121 -8.62 -10.09 5.23
CA ILE B 121 -7.26 -10.58 5.35
C ILE B 121 -6.94 -11.42 4.12
N VAL B 122 -5.84 -11.10 3.46
CA VAL B 122 -5.32 -11.86 2.33
C VAL B 122 -4.20 -12.74 2.87
N VAL B 123 -4.46 -14.05 2.93
CA VAL B 123 -3.55 -14.96 3.61
C VAL B 123 -3.53 -16.32 2.91
N PRO B 124 -2.40 -16.73 2.32
CA PRO B 124 -1.21 -15.88 2.17
C PRO B 124 -1.38 -14.91 1.02
N CYS B 125 -0.57 -13.85 0.97
CA CYS B 125 -0.69 -12.82 -0.05
C CYS B 125 0.54 -12.86 -0.95
N SER B 126 0.32 -13.13 -2.23
CA SER B 126 1.41 -13.15 -3.20
C SER B 126 1.86 -11.72 -3.51
N MET B 127 3.04 -11.61 -4.12
CA MET B 127 3.52 -10.31 -4.58
C MET B 127 2.65 -9.77 -5.70
N LYS B 128 2.11 -10.65 -6.55
CA LYS B 128 1.21 -10.23 -7.61
C LYS B 128 -0.03 -9.54 -7.05
N THR B 129 -0.66 -10.15 -6.05
CA THR B 129 -1.88 -9.56 -5.48
C THR B 129 -1.54 -8.32 -4.66
N LEU B 130 -0.42 -8.33 -3.94
CA LEU B 130 0.07 -7.11 -3.30
C LEU B 130 0.22 -5.98 -4.31
N ALA B 131 0.74 -6.30 -5.50
CA ALA B 131 0.93 -5.28 -6.53
C ALA B 131 -0.40 -4.83 -7.12
N ALA B 132 -1.33 -5.76 -7.32
CA ALA B 132 -2.66 -5.37 -7.79
C ALA B 132 -3.32 -4.38 -6.84
N ILE B 133 -3.21 -4.63 -5.53
CA ILE B 133 -3.82 -3.74 -4.55
C ILE B 133 -3.08 -2.40 -4.51
N HIS B 134 -1.74 -2.43 -4.53
CA HIS B 134 -0.97 -1.20 -4.52
C HIS B 134 -1.23 -0.37 -5.77
N SER B 135 -1.21 -0.99 -6.94
CA SER B 135 -1.42 -0.24 -8.18
C SER B 135 -2.85 0.24 -8.33
N GLY B 136 -3.81 -0.50 -7.75
CA GLY B 136 -5.20 -0.23 -7.97
C GLY B 136 -5.84 -1.03 -9.09
N PHE B 137 -5.06 -1.87 -9.80
CA PHE B 137 -5.57 -2.70 -10.88
C PHE B 137 -6.40 -3.82 -10.26
N CYS B 138 -7.67 -3.50 -9.97
N CYS B 138 -7.67 -3.50 -9.97
CA CYS B 138 -8.56 -4.40 -9.26
CA CYS B 138 -8.56 -4.40 -9.26
C CYS B 138 -9.45 -5.15 -10.25
C CYS B 138 -9.45 -5.15 -10.25
N ASP B 139 -8.84 -6.12 -10.94
CA ASP B 139 -9.51 -6.85 -12.00
C ASP B 139 -9.99 -8.25 -11.58
N ASP B 140 -9.88 -8.61 -10.30
CA ASP B 140 -10.56 -9.79 -9.78
C ASP B 140 -11.19 -9.45 -8.44
N LEU B 141 -11.93 -10.41 -7.89
CA LEU B 141 -12.72 -10.13 -6.69
C LEU B 141 -11.84 -9.88 -5.48
N ILE B 142 -10.68 -10.53 -5.38
CA ILE B 142 -9.80 -10.31 -4.25
C ILE B 142 -9.28 -8.88 -4.24
N SER B 143 -8.74 -8.43 -5.38
CA SER B 143 -8.15 -7.10 -5.42
C SER B 143 -9.21 -6.01 -5.36
N ARG B 144 -10.38 -6.24 -5.97
CA ARG B 144 -11.45 -5.25 -5.91
C ARG B 144 -11.97 -5.10 -4.48
N THR B 145 -12.19 -6.22 -3.78
CA THR B 145 -12.68 -6.14 -2.42
C THR B 145 -11.67 -5.44 -1.51
N ALA B 146 -10.39 -5.73 -1.68
CA ALA B 146 -9.36 -5.01 -0.93
C ALA B 146 -9.37 -3.52 -1.28
N ASP B 147 -9.49 -3.21 -2.56
CA ASP B 147 -9.60 -1.81 -2.99
C ASP B 147 -10.79 -1.13 -2.31
N VAL B 148 -11.89 -1.86 -2.14
CA VAL B 148 -13.06 -1.32 -1.48
C VAL B 148 -12.82 -1.15 0.02
N MET B 149 -12.17 -2.13 0.65
CA MET B 149 -11.84 -2.01 2.07
C MET B 149 -11.00 -0.76 2.34
N LEU B 150 -10.04 -0.47 1.47
CA LEU B 150 -9.20 0.72 1.66
C LEU B 150 -10.01 2.00 1.54
N LYS B 151 -10.90 2.07 0.55
CA LYS B 151 -11.67 3.30 0.35
C LYS B 151 -12.70 3.50 1.46
N GLU B 152 -13.23 2.42 2.03
CA GLU B 152 -14.15 2.51 3.15
C GLU B 152 -13.45 2.59 4.50
N ARG B 153 -12.11 2.61 4.50
CA ARG B 153 -11.31 2.73 5.73
C ARG B 153 -11.57 1.55 6.68
N ARG B 154 -11.65 0.35 6.10
CA ARG B 154 -11.76 -0.87 6.89
C ARG B 154 -10.41 -1.57 6.97
N ARG B 155 -10.23 -2.36 8.02
CA ARG B 155 -8.95 -3.00 8.28
C ARG B 155 -8.64 -4.03 7.20
N LEU B 156 -7.47 -3.90 6.59
CA LEU B 156 -7.02 -4.81 5.53
C LEU B 156 -5.63 -5.32 5.89
N VAL B 157 -5.50 -6.64 6.07
CA VAL B 157 -4.25 -7.27 6.45
C VAL B 157 -3.76 -8.13 5.28
N LEU B 158 -2.53 -7.88 4.85
CA LEU B 158 -1.91 -8.62 3.76
C LEU B 158 -0.78 -9.46 4.34
N VAL B 159 -0.98 -10.78 4.38
CA VAL B 159 0.08 -11.68 4.81
C VAL B 159 1.02 -11.91 3.63
N ALA B 160 1.79 -10.88 3.29
CA ALA B 160 2.61 -10.89 2.08
C ALA B 160 3.84 -11.78 2.28
N ARG B 161 3.94 -12.84 1.49
CA ARG B 161 4.99 -13.85 1.66
C ARG B 161 5.88 -13.84 0.43
N GLU B 162 7.16 -13.51 0.64
CA GLU B 162 8.18 -13.48 -0.39
C GLU B 162 9.52 -13.24 0.28
N THR B 163 10.56 -13.89 -0.25
CA THR B 163 11.91 -13.66 0.23
C THR B 163 12.90 -14.14 -0.80
N PRO B 164 13.99 -13.40 -1.05
CA PRO B 164 14.19 -12.06 -0.48
C PRO B 164 13.30 -11.03 -1.20
N LEU B 165 13.33 -9.79 -0.74
CA LEU B 165 12.47 -8.73 -1.28
C LEU B 165 13.28 -7.81 -2.17
N SER B 166 12.69 -7.45 -3.31
CA SER B 166 13.26 -6.45 -4.19
C SER B 166 12.74 -5.06 -3.80
N GLU B 167 13.28 -4.04 -4.46
CA GLU B 167 12.79 -2.69 -4.23
C GLU B 167 11.36 -2.53 -4.71
N ILE B 168 10.95 -3.31 -5.71
CA ILE B 168 9.55 -3.31 -6.14
C ILE B 168 8.64 -3.75 -5.01
N HIS B 169 8.93 -4.92 -4.42
CA HIS B 169 8.12 -5.44 -3.32
C HIS B 169 8.05 -4.44 -2.18
N LEU B 170 9.20 -3.88 -1.78
CA LEU B 170 9.24 -3.02 -0.61
C LEU B 170 8.52 -1.70 -0.87
N ARG B 171 8.64 -1.16 -2.08
CA ARG B 171 7.89 0.05 -2.42
C ARG B 171 6.39 -0.22 -2.37
N ASN B 172 5.95 -1.36 -2.91
CA ASN B 172 4.54 -1.70 -2.85
C ASN B 172 4.07 -1.85 -1.41
N MET B 173 4.90 -2.48 -0.56
CA MET B 173 4.53 -2.66 0.84
C MET B 173 4.44 -1.32 1.57
N LEU B 174 5.45 -0.48 1.40
CA LEU B 174 5.46 0.81 2.09
C LEU B 174 4.28 1.67 1.67
N GLU B 175 4.03 1.77 0.35
CA GLU B 175 3.02 2.68 -0.14
C GLU B 175 1.61 2.16 0.08
N VAL B 176 1.39 0.84 0.05
CA VAL B 176 0.06 0.34 0.39
C VAL B 176 -0.16 0.45 1.90
N THR B 177 0.91 0.39 2.70
CA THR B 177 0.78 0.65 4.13
C THR B 177 0.28 2.06 4.38
N ARG B 178 0.87 3.04 3.68
CA ARG B 178 0.44 4.42 3.83
C ARG B 178 -1.00 4.62 3.38
N ALA B 179 -1.46 3.82 2.41
CA ALA B 179 -2.85 3.85 1.99
C ALA B 179 -3.80 3.19 2.98
N GLY B 180 -3.27 2.52 4.01
CA GLY B 180 -4.10 1.97 5.07
C GLY B 180 -3.95 0.47 5.31
N ALA B 181 -3.24 -0.26 4.47
CA ALA B 181 -3.14 -1.71 4.67
C ALA B 181 -2.07 -2.03 5.71
N VAL B 182 -2.13 -3.26 6.23
CA VAL B 182 -1.17 -3.77 7.20
C VAL B 182 -0.42 -4.93 6.57
N ILE B 183 0.89 -4.80 6.48
CA ILE B 183 1.75 -5.86 5.95
C ILE B 183 2.14 -6.79 7.10
N PHE B 184 1.80 -8.07 6.96
CA PHE B 184 2.07 -9.09 7.99
C PHE B 184 2.88 -10.21 7.35
N PRO B 185 4.20 -10.09 7.27
CA PRO B 185 5.02 -11.22 6.81
C PRO B 185 4.94 -12.36 7.80
N PRO B 186 4.66 -13.58 7.33
CA PRO B 186 4.48 -14.70 8.27
C PRO B 186 5.80 -15.29 8.75
N VAL B 187 6.53 -14.50 9.53
CA VAL B 187 7.82 -14.94 10.06
C VAL B 187 7.59 -15.65 11.39
N PRO B 188 8.22 -16.80 11.62
CA PRO B 188 7.91 -17.59 12.81
C PRO B 188 8.41 -16.93 14.08
N ALA B 189 7.63 -17.07 15.15
CA ALA B 189 8.02 -16.58 16.47
C ALA B 189 8.65 -17.73 17.23
N PHE B 190 9.96 -17.90 17.04
CA PHE B 190 10.66 -19.04 17.62
C PHE B 190 10.73 -19.00 19.14
N TYR B 191 10.50 -17.83 19.75
CA TYR B 191 10.62 -17.72 21.20
C TYR B 191 9.55 -18.51 21.95
N ILE B 192 8.48 -18.94 21.28
CA ILE B 192 7.47 -19.75 21.94
C ILE B 192 7.95 -21.18 22.19
N LYS B 193 9.13 -21.54 21.67
CA LYS B 193 9.69 -22.88 21.82
C LYS B 193 8.71 -23.95 21.35
N ALA B 194 8.47 -23.93 20.05
CA ALA B 194 7.48 -24.79 19.44
C ALA B 194 8.00 -26.21 19.27
N GLY B 195 7.10 -27.18 19.42
CA GLY B 195 7.39 -28.57 19.16
C GLY B 195 6.96 -29.08 17.81
N SER B 196 6.38 -28.22 16.98
CA SER B 196 5.89 -28.62 15.67
C SER B 196 5.71 -27.39 14.80
N ILE B 197 5.64 -27.61 13.48
CA ILE B 197 5.34 -26.53 12.56
C ILE B 197 3.99 -25.91 12.89
N GLU B 198 3.01 -26.74 13.25
CA GLU B 198 1.66 -26.26 13.53
C GLU B 198 1.64 -25.29 14.71
N ASP B 199 2.50 -25.50 15.71
CA ASP B 199 2.57 -24.57 16.82
C ASP B 199 2.96 -23.18 16.37
N LEU B 200 3.96 -23.08 15.49
CA LEU B 200 4.37 -21.79 14.99
C LEU B 200 3.28 -21.16 14.12
N ILE B 201 2.59 -21.98 13.32
CA ILE B 201 1.49 -21.47 12.51
C ILE B 201 0.37 -20.94 13.40
N ASP B 202 0.05 -21.67 14.47
CA ASP B 202 -1.02 -21.24 15.37
C ASP B 202 -0.72 -19.87 16.00
N GLN B 203 0.55 -19.63 16.35
CA GLN B 203 0.91 -18.34 16.90
C GLN B 203 0.78 -17.23 15.86
N SER B 204 1.23 -17.49 14.63
CA SER B 204 1.10 -16.50 13.56
C SER B 204 -0.37 -16.17 13.29
N VAL B 205 -1.22 -17.20 13.24
CA VAL B 205 -2.64 -16.98 13.00
C VAL B 205 -3.25 -16.14 14.12
N GLY B 206 -2.85 -16.43 15.37
CA GLY B 206 -3.36 -15.66 16.48
C GLY B 206 -2.90 -14.21 16.45
N ARG B 207 -1.67 -13.96 16.01
CA ARG B 207 -1.19 -12.60 15.91
C ARG B 207 -1.83 -11.85 14.75
N MET B 208 -2.15 -12.55 13.66
CA MET B 208 -2.91 -11.94 12.57
C MET B 208 -4.25 -11.43 13.07
N LEU B 209 -4.99 -12.28 13.79
CA LEU B 209 -6.34 -11.94 14.20
C LEU B 209 -6.37 -10.91 15.33
N ASP B 210 -5.24 -10.70 16.00
CA ASP B 210 -5.13 -9.58 16.94
C ASP B 210 -5.41 -8.26 16.25
N LEU B 211 -5.04 -8.13 14.98
CA LEU B 211 -5.26 -6.90 14.23
C LEU B 211 -6.73 -6.62 13.96
N PHE B 212 -7.60 -7.62 14.13
CA PHE B 212 -9.04 -7.43 14.09
C PHE B 212 -9.66 -7.43 15.49
N ASP B 213 -8.83 -7.26 16.51
N ASP B 213 -8.84 -7.24 16.52
CA ASP B 213 -9.26 -7.30 17.91
CA ASP B 213 -9.31 -7.29 17.92
C ASP B 213 -9.98 -8.60 18.22
C ASP B 213 -10.00 -8.62 18.21
N LEU B 214 -9.33 -9.71 17.86
CA LEU B 214 -9.82 -11.06 18.11
C LEU B 214 -8.76 -11.86 18.83
N ASP B 215 -9.18 -12.61 19.85
CA ASP B 215 -8.27 -13.37 20.70
C ASP B 215 -8.61 -14.86 20.52
N THR B 216 -7.78 -15.58 19.78
CA THR B 216 -7.99 -17.01 19.62
C THR B 216 -7.81 -17.77 20.92
N GLY B 217 -7.03 -17.22 21.86
CA GLY B 217 -6.71 -17.93 23.08
C GLY B 217 -6.02 -19.25 22.86
N ASP B 218 -5.40 -19.46 21.69
N ASP B 218 -5.39 -19.44 21.69
CA ASP B 218 -4.79 -20.73 21.33
CA ASP B 218 -4.81 -20.71 21.28
C ASP B 218 -3.30 -20.60 21.10
C ASP B 218 -3.29 -20.63 21.14
N PHE B 219 -2.67 -19.60 21.73
CA PHE B 219 -1.22 -19.46 21.67
C PHE B 219 -0.77 -18.66 22.89
N GLU B 220 0.49 -18.86 23.26
CA GLU B 220 1.05 -18.24 24.47
C GLU B 220 1.53 -16.83 24.12
N ARG B 221 0.85 -15.82 24.67
CA ARG B 221 1.30 -14.45 24.53
C ARG B 221 2.55 -14.21 25.37
N TRP B 222 3.40 -13.31 24.90
CA TRP B 222 4.63 -13.02 25.62
C TRP B 222 4.34 -12.35 26.96
N ASN B 223 5.00 -12.83 28.01
CA ASN B 223 4.83 -12.27 29.35
C ASN B 223 6.15 -12.28 30.12
N GLY B 224 7.26 -11.95 29.44
CA GLY B 224 8.58 -12.12 30.01
C GLY B 224 9.09 -13.54 29.82
N TRP B 225 10.34 -13.76 30.25
CA TRP B 225 10.94 -15.08 30.20
C TRP B 225 10.06 -16.08 30.96
N GLU B 226 9.72 -17.19 30.30
CA GLU B 226 9.11 -18.29 31.00
C GLU B 226 10.10 -18.72 32.11
N ARG C 39 -9.55 -7.11 30.73
CA ARG C 39 -10.47 -6.53 31.69
C ARG C 39 -10.31 -5.01 31.76
N ARG C 40 -9.32 -4.56 32.54
CA ARG C 40 -9.03 -3.14 32.63
C ARG C 40 -8.20 -2.69 31.44
N ARG C 41 -8.45 -1.46 30.99
CA ARG C 41 -7.63 -0.89 29.92
C ARG C 41 -6.20 -0.72 30.38
N ARG C 42 -5.26 -0.97 29.46
CA ARG C 42 -3.84 -0.84 29.74
C ARG C 42 -3.27 0.32 28.92
N ILE C 43 -2.47 1.17 29.57
CA ILE C 43 -1.77 2.25 28.88
C ILE C 43 -0.34 2.29 29.40
N VAL C 44 0.63 2.27 28.49
CA VAL C 44 2.02 2.40 28.85
C VAL C 44 2.35 3.88 29.02
N VAL C 45 2.91 4.24 30.16
CA VAL C 45 3.33 5.61 30.45
C VAL C 45 4.85 5.62 30.50
N ALA C 46 5.45 6.36 29.58
CA ALA C 46 6.90 6.48 29.49
C ALA C 46 7.32 7.92 29.75
N MET C 47 8.37 8.09 30.54
CA MET C 47 8.91 9.40 30.87
C MET C 47 10.36 9.48 30.43
N THR C 48 10.72 10.58 29.79
CA THR C 48 12.08 10.79 29.28
C THR C 48 12.64 12.10 29.86
N GLY C 49 13.92 12.34 29.58
CA GLY C 49 14.66 13.42 30.18
C GLY C 49 14.47 14.80 29.57
N ALA C 50 13.24 15.10 29.16
CA ALA C 50 12.89 16.47 28.80
C ALA C 50 12.28 17.17 30.00
N THR C 51 12.44 18.50 30.06
CA THR C 51 11.87 19.24 31.17
C THR C 51 10.34 19.18 31.12
N GLY C 52 9.73 18.99 32.28
CA GLY C 52 8.30 18.79 32.35
C GLY C 52 7.92 17.47 33.00
N ALA C 53 8.74 17.04 33.97
CA ALA C 53 8.50 15.75 34.63
C ALA C 53 7.15 15.71 35.33
N MET C 54 6.67 16.86 35.82
CA MET C 54 5.37 16.90 36.49
C MET C 54 4.23 16.53 35.55
N LEU C 55 4.42 16.71 34.23
CA LEU C 55 3.39 16.29 33.28
C LEU C 55 3.19 14.79 33.31
N GLY C 56 4.28 14.02 33.36
CA GLY C 56 4.16 12.57 33.44
C GLY C 56 3.62 12.10 34.77
N ILE C 57 3.96 12.79 35.85
CA ILE C 57 3.46 12.42 37.18
C ILE C 57 1.94 12.61 37.23
N LYS C 58 1.46 13.76 36.77
CA LYS C 58 0.03 14.02 36.80
C LYS C 58 -0.75 13.18 35.79
N VAL C 59 -0.08 12.66 34.76
CA VAL C 59 -0.73 11.71 33.86
C VAL C 59 -0.99 10.39 34.60
N LEU C 60 -0.01 9.92 35.38
CA LEU C 60 -0.18 8.68 36.13
C LEU C 60 -1.29 8.82 37.17
N ILE C 61 -1.37 9.98 37.83
CA ILE C 61 -2.41 10.20 38.83
C ILE C 61 -3.78 10.19 38.17
N ALA C 62 -3.92 10.89 37.06
CA ALA C 62 -5.20 10.96 36.37
C ALA C 62 -5.62 9.61 35.83
N LEU C 63 -4.66 8.82 35.32
CA LEU C 63 -4.99 7.51 34.78
C LEU C 63 -5.40 6.54 35.89
N ARG C 64 -4.78 6.64 37.06
CA ARG C 64 -5.17 5.80 38.19
C ARG C 64 -6.59 6.10 38.61
N ARG C 65 -6.94 7.39 38.72
CA ARG C 65 -8.31 7.76 39.07
C ARG C 65 -9.30 7.25 38.05
N LEU C 66 -8.92 7.20 36.77
CA LEU C 66 -9.80 6.71 35.72
C LEU C 66 -9.85 5.19 35.63
N ASN C 67 -9.25 4.49 36.60
CA ASN C 67 -9.26 3.03 36.66
C ASN C 67 -8.58 2.40 35.44
N VAL C 68 -7.45 2.98 35.03
CA VAL C 68 -6.65 2.46 33.93
C VAL C 68 -5.42 1.79 34.51
N GLU C 69 -5.15 0.56 34.06
CA GLU C 69 -3.93 -0.14 34.46
C GLU C 69 -2.73 0.48 33.76
N THR C 70 -1.81 1.06 34.52
CA THR C 70 -0.66 1.78 33.97
C THR C 70 0.59 0.94 34.06
N HIS C 71 1.45 1.06 33.05
CA HIS C 71 2.75 0.39 33.00
C HIS C 71 3.81 1.45 32.77
N LEU C 72 4.58 1.76 33.81
CA LEU C 72 5.51 2.88 33.79
C LEU C 72 6.91 2.45 33.40
N VAL C 73 7.53 3.23 32.50
CA VAL C 73 8.94 3.10 32.18
C VAL C 73 9.55 4.49 32.25
N MET C 74 10.65 4.62 32.99
CA MET C 74 11.34 5.90 33.17
C MET C 74 12.77 5.77 32.64
N SER C 75 13.17 6.71 31.80
CA SER C 75 14.53 6.73 31.31
C SER C 75 15.49 7.20 32.41
N LYS C 76 16.78 6.97 32.17
CA LYS C 76 17.80 7.37 33.12
C LYS C 76 17.71 8.87 33.41
N TRP C 77 17.62 9.69 32.35
CA TRP C 77 17.56 11.13 32.54
C TRP C 77 16.18 11.61 32.95
N ALA C 78 15.14 10.80 32.75
CA ALA C 78 13.84 11.14 33.31
C ALA C 78 13.88 11.13 34.83
N GLU C 79 14.56 10.14 35.42
CA GLU C 79 14.72 10.09 36.86
C GLU C 79 15.50 11.30 37.37
N ALA C 80 16.48 11.77 36.58
CA ALA C 80 17.27 12.92 37.00
C ALA C 80 16.44 14.19 37.01
N THR C 81 15.58 14.38 36.00
CA THR C 81 14.77 15.58 35.96
C THR C 81 13.62 15.53 36.96
N ILE C 82 13.16 14.33 37.32
CA ILE C 82 12.14 14.22 38.37
C ILE C 82 12.69 14.74 39.68
N LYS C 83 13.90 14.32 40.05
CA LYS C 83 14.51 14.76 41.30
C LYS C 83 14.75 16.26 41.29
N TYR C 84 15.17 16.81 40.14
CA TYR C 84 15.66 18.18 40.10
C TYR C 84 14.53 19.20 40.00
N GLU C 85 13.46 18.89 39.26
CA GLU C 85 12.37 19.83 39.08
C GLU C 85 11.20 19.63 40.04
N THR C 86 11.09 18.48 40.68
CA THR C 86 9.93 18.16 41.50
C THR C 86 10.37 17.76 42.90
N ASP C 87 9.38 17.65 43.79
CA ASP C 87 9.59 17.12 45.13
C ASP C 87 9.47 15.61 45.19
N TYR C 88 9.09 14.97 44.09
CA TYR C 88 9.00 13.52 44.04
C TYR C 88 10.38 12.90 43.87
N HIS C 89 10.53 11.74 44.42
CA HIS C 89 11.65 10.85 44.13
C HIS C 89 11.19 9.77 43.16
N PRO C 90 12.09 9.24 42.32
CA PRO C 90 11.67 8.16 41.40
C PRO C 90 10.87 7.06 42.06
N SER C 91 11.22 6.68 43.29
CA SER C 91 10.45 5.67 44.01
C SER C 91 9.02 6.11 44.27
N ASN C 92 8.80 7.41 44.45
CA ASN C 92 7.43 7.92 44.63
C ASN C 92 6.64 7.82 43.34
N VAL C 93 7.27 8.14 42.21
CA VAL C 93 6.57 8.05 40.92
C VAL C 93 6.25 6.59 40.61
N ARG C 94 7.17 5.67 40.90
CA ARG C 94 6.91 4.26 40.67
C ARG C 94 5.71 3.76 41.46
N ALA C 95 5.47 4.34 42.64
CA ALA C 95 4.33 3.93 43.44
C ALA C 95 3.00 4.39 42.86
N LEU C 96 3.02 5.36 41.95
CA LEU C 96 1.79 5.82 41.30
C LEU C 96 1.35 4.91 40.16
N ALA C 97 2.16 3.92 39.79
CA ALA C 97 1.88 3.05 38.66
C ALA C 97 1.58 1.63 39.13
N ASP C 98 0.68 0.97 38.40
CA ASP C 98 0.35 -0.42 38.74
C ASP C 98 1.52 -1.35 38.47
N TYR C 99 2.30 -1.08 37.42
CA TYR C 99 3.48 -1.87 37.10
C TYR C 99 4.60 -0.96 36.63
N VAL C 100 5.83 -1.39 36.88
CA VAL C 100 7.02 -0.66 36.49
C VAL C 100 7.97 -1.62 35.80
N HIS C 101 8.54 -1.19 34.67
CA HIS C 101 9.48 -2.00 33.92
C HIS C 101 10.79 -1.24 33.73
N ASN C 102 11.89 -1.98 33.73
CA ASN C 102 13.21 -1.37 33.67
C ASN C 102 13.51 -0.89 32.25
N ILE C 103 14.19 0.26 32.17
CA ILE C 103 14.42 0.92 30.88
C ILE C 103 15.20 0.02 29.93
N ASN C 104 16.08 -0.84 30.46
CA ASN C 104 16.94 -1.67 29.64
C ASN C 104 16.45 -3.11 29.53
N ASP C 105 15.25 -3.40 30.02
CA ASP C 105 14.73 -4.77 30.03
C ASP C 105 13.92 -4.99 28.75
N MET C 106 14.59 -5.43 27.69
CA MET C 106 13.93 -5.71 26.43
C MET C 106 13.11 -6.99 26.45
N ALA C 107 13.11 -7.73 27.57
CA ALA C 107 12.26 -8.90 27.74
C ALA C 107 11.01 -8.60 28.54
N ALA C 108 10.79 -7.34 28.89
CA ALA C 108 9.59 -6.95 29.61
C ALA C 108 8.34 -7.30 28.81
N PRO C 109 7.21 -7.53 29.47
CA PRO C 109 5.99 -7.92 28.72
C PRO C 109 5.57 -6.90 27.67
N VAL C 110 5.67 -5.61 27.98
CA VAL C 110 5.21 -4.57 27.06
C VAL C 110 6.06 -4.45 25.80
N SER C 111 7.20 -5.15 25.75
N SER C 111 7.21 -5.13 25.73
CA SER C 111 8.09 -5.09 24.59
CA SER C 111 8.06 -5.04 24.56
C SER C 111 7.58 -5.90 23.41
C SER C 111 7.59 -5.91 23.40
N SER C 112 6.55 -6.72 23.59
CA SER C 112 6.05 -7.61 22.56
C SER C 112 4.66 -7.18 22.11
N GLY C 113 4.44 -7.19 20.80
CA GLY C 113 3.13 -6.89 20.26
C GLY C 113 2.06 -7.89 20.66
N SER C 114 2.45 -9.09 21.08
CA SER C 114 1.48 -10.06 21.56
C SER C 114 0.90 -9.63 22.90
N PHE C 115 1.65 -8.85 23.68
CA PHE C 115 1.12 -8.28 24.91
C PHE C 115 0.02 -7.28 24.57
N ARG C 116 -1.19 -7.55 25.05
CA ARG C 116 -2.33 -6.71 24.73
C ARG C 116 -2.28 -5.43 25.56
N ALA C 117 -2.29 -4.29 24.88
CA ALA C 117 -2.35 -2.98 25.51
C ALA C 117 -3.09 -2.05 24.57
N ASP C 118 -3.64 -0.96 25.13
CA ASP C 118 -4.52 -0.08 24.36
C ASP C 118 -3.89 1.25 24.00
N GLY C 119 -2.62 1.48 24.33
CA GLY C 119 -1.97 2.71 23.93
C GLY C 119 -0.76 3.02 24.76
N MET C 120 -0.07 4.08 24.35
CA MET C 120 1.16 4.50 25.00
C MET C 120 1.26 6.02 24.90
N ILE C 121 1.75 6.65 25.97
CA ILE C 121 2.03 8.08 25.98
C ILE C 121 3.43 8.27 26.55
N VAL C 122 4.25 9.04 25.85
CA VAL C 122 5.60 9.40 26.29
C VAL C 122 5.52 10.85 26.75
N VAL C 123 5.60 11.07 28.06
CA VAL C 123 5.36 12.38 28.63
C VAL C 123 6.28 12.61 29.83
N PRO C 124 7.19 13.59 29.77
CA PRO C 124 7.47 14.37 28.55
C PRO C 124 8.33 13.58 27.58
N CYS C 125 8.37 13.99 26.31
CA CYS C 125 9.13 13.29 25.28
C CYS C 125 10.28 14.17 24.83
N SER C 126 11.50 13.69 24.99
CA SER C 126 12.68 14.42 24.55
C SER C 126 12.85 14.29 23.03
N MET C 127 13.66 15.19 22.47
CA MET C 127 13.99 15.09 21.06
C MET C 127 14.75 13.81 20.75
N LYS C 128 15.58 13.36 21.71
CA LYS C 128 16.32 12.11 21.53
C LYS C 128 15.37 10.93 21.35
N THR C 129 14.37 10.81 22.21
CA THR C 129 13.44 9.69 22.13
C THR C 129 12.51 9.82 20.94
N LEU C 130 12.09 11.05 20.61
CA LEU C 130 11.36 11.27 19.37
C LEU C 130 12.16 10.76 18.18
N ALA C 131 13.46 11.00 18.17
CA ALA C 131 14.30 10.58 17.04
C ALA C 131 14.51 9.07 17.05
N ALA C 132 14.63 8.46 18.23
CA ALA C 132 14.72 7.01 18.31
C ALA C 132 13.47 6.36 17.71
N ILE C 133 12.30 6.92 18.01
CA ILE C 133 11.07 6.36 17.48
C ILE C 133 10.94 6.62 15.98
N HIS C 134 11.28 7.84 15.55
CA HIS C 134 11.24 8.16 14.12
C HIS C 134 12.20 7.28 13.34
N SER C 135 13.44 7.16 13.82
CA SER C 135 14.45 6.40 13.09
C SER C 135 14.22 4.89 13.18
N GLY C 136 13.51 4.43 14.21
CA GLY C 136 13.34 3.01 14.45
C GLY C 136 14.42 2.38 15.31
N PHE C 137 15.42 3.16 15.72
CA PHE C 137 16.51 2.66 16.58
C PHE C 137 15.94 2.45 17.98
N CYS C 138 15.31 1.27 18.16
N CYS C 138 15.31 1.27 18.16
CA CYS C 138 14.60 0.95 19.39
CA CYS C 138 14.60 0.95 19.39
C CYS C 138 15.50 0.10 20.28
C CYS C 138 15.50 0.10 20.28
N ASP C 139 16.46 0.76 20.94
CA ASP C 139 17.45 0.08 21.76
C ASP C 139 17.18 0.20 23.26
N ASP C 140 16.05 0.76 23.67
CA ASP C 140 15.60 0.67 25.06
C ASP C 140 14.10 0.40 25.08
N LEU C 141 13.56 0.18 26.27
CA LEU C 141 12.18 -0.30 26.38
C LEU C 141 11.18 0.77 25.94
N ILE C 142 11.48 2.04 26.16
CA ILE C 142 10.56 3.10 25.75
C ILE C 142 10.43 3.14 24.24
N SER C 143 11.57 3.21 23.53
CA SER C 143 11.52 3.28 22.08
C SER C 143 11.02 1.96 21.47
N ARG C 144 11.37 0.83 22.07
CA ARG C 144 10.89 -0.45 21.54
C ARG C 144 9.39 -0.60 21.71
N THR C 145 8.86 -0.25 22.89
CA THR C 145 7.42 -0.34 23.10
C THR C 145 6.68 0.63 22.19
N ALA C 146 7.24 1.82 21.95
CA ALA C 146 6.63 2.74 20.99
C ALA C 146 6.69 2.18 19.58
N ASP C 147 7.83 1.60 19.20
CA ASP C 147 7.95 0.93 17.91
C ASP C 147 6.89 -0.15 17.76
N VAL C 148 6.60 -0.86 18.85
CA VAL C 148 5.61 -1.94 18.81
C VAL C 148 4.20 -1.38 18.70
N MET C 149 3.91 -0.30 19.43
CA MET C 149 2.59 0.32 19.35
C MET C 149 2.27 0.76 17.92
N LEU C 150 3.28 1.29 17.21
CA LEU C 150 3.04 1.74 15.85
C LEU C 150 2.76 0.57 14.91
N LYS C 151 3.51 -0.53 15.05
CA LYS C 151 3.29 -1.67 14.17
C LYS C 151 1.97 -2.37 14.47
N GLU C 152 1.52 -2.35 15.73
CA GLU C 152 0.23 -2.94 16.09
C GLU C 152 -0.92 -1.95 15.92
N ARG C 153 -0.65 -0.76 15.40
CA ARG C 153 -1.68 0.25 15.14
C ARG C 153 -2.41 0.65 16.41
N ARG C 154 -1.65 0.81 17.49
CA ARG C 154 -2.19 1.32 18.75
C ARG C 154 -1.84 2.79 18.90
N ARG C 155 -2.70 3.52 19.61
CA ARG C 155 -2.51 4.96 19.77
C ARG C 155 -1.23 5.25 20.54
N LEU C 156 -0.38 6.10 19.96
CA LEU C 156 0.87 6.53 20.59
C LEU C 156 0.90 8.05 20.59
N VAL C 157 1.06 8.63 21.78
CA VAL C 157 1.09 10.09 21.94
C VAL C 157 2.47 10.47 22.46
N LEU C 158 3.13 11.40 21.77
CA LEU C 158 4.44 11.89 22.15
C LEU C 158 4.30 13.35 22.58
N VAL C 159 4.50 13.61 23.87
CA VAL C 159 4.50 14.98 24.38
C VAL C 159 5.88 15.57 24.14
N ALA C 160 6.16 15.92 22.89
CA ALA C 160 7.49 16.36 22.48
C ALA C 160 7.71 17.80 22.94
N ARG C 161 8.70 18.00 23.80
CA ARG C 161 9.00 19.30 24.39
C ARG C 161 10.37 19.76 23.91
N GLU C 162 10.39 20.86 23.15
CA GLU C 162 11.61 21.50 22.69
C GLU C 162 11.24 22.82 22.04
N THR C 163 12.11 23.82 22.20
CA THR C 163 11.92 25.09 21.53
C THR C 163 13.24 25.87 21.52
N PRO C 164 13.58 26.55 20.41
CA PRO C 164 12.87 26.47 19.14
C PRO C 164 13.10 25.13 18.45
N LEU C 165 12.44 24.90 17.33
CA LEU C 165 12.54 23.63 16.62
C LEU C 165 13.43 23.77 15.39
N SER C 166 14.34 22.83 15.21
CA SER C 166 15.14 22.76 14.01
C SER C 166 14.39 21.95 12.95
N GLU C 167 14.96 21.92 11.74
CA GLU C 167 14.37 21.11 10.68
C GLU C 167 14.47 19.62 10.99
N ILE C 168 15.47 19.22 11.78
CA ILE C 168 15.58 17.82 12.22
C ILE C 168 14.38 17.46 13.09
N HIS C 169 14.08 18.30 14.08
CA HIS C 169 12.95 18.03 14.97
C HIS C 169 11.65 17.96 14.19
N LEU C 170 11.44 18.90 13.26
CA LEU C 170 10.16 18.98 12.56
C LEU C 170 10.01 17.86 11.55
N ARG C 171 11.11 17.47 10.89
CA ARG C 171 11.05 16.30 10.01
C ARG C 171 10.70 15.05 10.79
N ASN C 172 11.30 14.87 11.97
CA ASN C 172 10.99 13.72 12.80
C ASN C 172 9.52 13.74 13.24
N MET C 173 9.03 14.92 13.63
CA MET C 173 7.63 15.04 14.05
C MET C 173 6.67 14.72 12.91
N LEU C 174 6.94 15.29 11.73
CA LEU C 174 6.04 15.08 10.59
C LEU C 174 6.01 13.61 10.18
N GLU C 175 7.18 12.99 10.08
CA GLU C 175 7.23 11.63 9.55
C GLU C 175 6.78 10.58 10.56
N VAL C 176 7.04 10.82 11.85
CA VAL C 176 6.49 9.90 12.86
C VAL C 176 4.97 10.07 12.95
N THR C 177 4.47 11.27 12.66
CA THR C 177 3.03 11.47 12.61
C THR C 177 2.42 10.66 11.48
N ARG C 178 3.05 10.69 10.30
CA ARG C 178 2.57 9.89 9.17
C ARG C 178 2.64 8.40 9.47
N ALA C 179 3.59 7.98 10.31
CA ALA C 179 3.66 6.59 10.74
C ALA C 179 2.60 6.23 11.76
N GLY C 180 1.89 7.21 12.32
CA GLY C 180 0.78 6.92 13.21
C GLY C 180 0.78 7.65 14.54
N ALA C 181 1.91 8.24 14.92
CA ALA C 181 2.02 8.87 16.23
C ALA C 181 1.31 10.22 16.23
N VAL C 182 1.05 10.71 17.45
CA VAL C 182 0.43 12.02 17.66
C VAL C 182 1.42 12.90 18.40
N ILE C 183 1.75 14.04 17.82
CA ILE C 183 2.65 15.02 18.45
C ILE C 183 1.82 15.97 19.28
N PHE C 184 2.08 16.01 20.60
CA PHE C 184 1.37 16.85 21.54
C PHE C 184 2.38 17.76 22.23
N PRO C 185 2.70 18.91 21.65
CA PRO C 185 3.55 19.87 22.36
C PRO C 185 2.82 20.45 23.55
N PRO C 186 3.43 20.43 24.73
CA PRO C 186 2.72 20.91 25.94
C PRO C 186 2.72 22.43 26.04
N VAL C 187 1.95 23.07 25.17
CA VAL C 187 1.83 24.52 25.16
C VAL C 187 0.63 24.91 26.03
N PRO C 188 0.78 25.89 26.92
CA PRO C 188 -0.32 26.21 27.84
C PRO C 188 -1.52 26.78 27.11
N ALA C 189 -2.70 26.51 27.68
CA ALA C 189 -3.97 27.04 27.18
C ALA C 189 -4.37 28.21 28.06
N PHE C 190 -3.90 29.41 27.71
CA PHE C 190 -4.13 30.58 28.55
C PHE C 190 -5.57 31.06 28.55
N TYR C 191 -6.41 30.58 27.63
CA TYR C 191 -7.79 31.04 27.57
C TYR C 191 -8.64 30.51 28.74
N ILE C 192 -8.11 29.59 29.54
CA ILE C 192 -8.85 29.09 30.70
C ILE C 192 -8.77 30.02 31.91
N LYS C 193 -8.03 31.12 31.80
CA LYS C 193 -7.84 32.07 32.90
C LYS C 193 -7.32 31.36 34.14
N ALA C 194 -6.21 30.63 33.96
CA ALA C 194 -5.67 29.82 35.04
C ALA C 194 -5.20 30.69 36.19
N GLY C 195 -5.28 30.14 37.40
CA GLY C 195 -4.83 30.84 38.58
C GLY C 195 -3.47 30.39 39.06
N SER C 196 -2.98 29.28 38.50
CA SER C 196 -1.71 28.71 38.92
C SER C 196 -1.12 27.89 37.79
N ILE C 197 0.17 27.55 37.94
CA ILE C 197 0.83 26.67 36.99
C ILE C 197 0.14 25.32 36.96
N GLU C 198 -0.34 24.85 38.12
CA GLU C 198 -1.00 23.56 38.19
C GLU C 198 -2.29 23.53 37.39
N ASP C 199 -3.00 24.66 37.31
CA ASP C 199 -4.23 24.71 36.53
C ASP C 199 -3.94 24.52 35.05
N LEU C 200 -2.85 25.10 34.56
CA LEU C 200 -2.48 24.92 33.16
C LEU C 200 -2.03 23.49 32.88
N ILE C 201 -1.28 22.90 33.81
CA ILE C 201 -0.82 21.53 33.65
C ILE C 201 -2.00 20.57 33.65
N ASP C 202 -3.01 20.84 34.50
CA ASP C 202 -4.19 19.98 34.55
C ASP C 202 -4.96 20.02 33.24
N GLN C 203 -5.06 21.21 32.63
CA GLN C 203 -5.72 21.31 31.34
C GLN C 203 -4.94 20.55 30.27
N SER C 204 -3.60 20.64 30.30
CA SER C 204 -2.79 19.92 29.33
C SER C 204 -2.95 18.41 29.48
N VAL C 205 -2.87 17.92 30.71
CA VAL C 205 -2.99 16.49 30.96
C VAL C 205 -4.38 15.99 30.52
N GLY C 206 -5.41 16.78 30.79
CA GLY C 206 -6.75 16.37 30.38
C GLY C 206 -6.89 16.31 28.87
N ARG C 207 -6.23 17.23 28.17
CA ARG C 207 -6.28 17.25 26.70
C ARG C 207 -5.47 16.11 26.10
N MET C 208 -4.36 15.75 26.73
CA MET C 208 -3.60 14.57 26.34
C MET C 208 -4.49 13.34 26.35
N LEU C 209 -5.15 13.09 27.49
CA LEU C 209 -5.91 11.86 27.67
C LEU C 209 -7.17 11.82 26.83
N ASP C 210 -7.63 12.97 26.33
CA ASP C 210 -8.72 12.98 25.35
C ASP C 210 -8.39 12.10 24.14
N LEU C 211 -7.12 12.03 23.77
CA LEU C 211 -6.69 11.24 22.61
C LEU C 211 -6.84 9.74 22.85
N PHE C 212 -7.03 9.31 24.10
CA PHE C 212 -7.36 7.92 24.41
C PHE C 212 -8.84 7.75 24.71
N ASP C 213 -9.67 8.74 24.38
N ASP C 213 -9.68 8.74 24.37
CA ASP C 213 -11.10 8.74 24.68
CA ASP C 213 -11.11 8.71 24.68
C ASP C 213 -11.34 8.54 26.18
C ASP C 213 -11.33 8.53 26.19
N LEU C 214 -10.62 9.33 26.98
CA LEU C 214 -10.76 9.36 28.42
C LEU C 214 -11.12 10.78 28.84
N ASP C 215 -12.01 10.90 29.82
CA ASP C 215 -12.50 12.20 30.28
C ASP C 215 -12.11 12.37 31.74
N THR C 216 -11.11 13.23 31.99
CA THR C 216 -10.73 13.51 33.38
C THR C 216 -11.83 14.26 34.12
N GLY C 217 -12.56 15.13 33.43
CA GLY C 217 -13.44 16.06 34.14
C GLY C 217 -12.68 16.98 35.06
N ASP C 218 -11.39 17.18 34.82
N ASP C 218 -11.40 17.18 34.82
CA ASP C 218 -10.52 17.97 35.70
CA ASP C 218 -10.51 17.95 35.68
C ASP C 218 -10.29 19.38 35.20
C ASP C 218 -10.29 19.38 35.20
N PHE C 219 -10.87 19.75 34.05
CA PHE C 219 -10.63 21.06 33.46
C PHE C 219 -11.90 21.56 32.80
N GLU C 220 -11.91 22.85 32.49
CA GLU C 220 -13.06 23.50 31.87
C GLU C 220 -12.89 23.48 30.36
N ARG C 221 -13.76 22.74 29.68
CA ARG C 221 -13.72 22.67 28.22
C ARG C 221 -14.36 23.92 27.62
N TRP C 222 -13.91 24.26 26.42
CA TRP C 222 -14.38 25.48 25.77
C TRP C 222 -15.84 25.35 25.38
N ASN C 223 -16.62 26.40 25.67
CA ASN C 223 -18.04 26.45 25.34
C ASN C 223 -18.44 27.86 24.93
N GLY C 224 -17.53 28.60 24.29
CA GLY C 224 -17.75 29.99 23.96
C GLY C 224 -17.16 30.93 24.99
N TRP C 225 -17.34 32.22 24.74
CA TRP C 225 -16.88 33.24 25.68
C TRP C 225 -17.53 33.04 27.04
N ARG D 39 -25.46 12.33 26.13
CA ARG D 39 -24.68 11.19 25.66
C ARG D 39 -24.92 10.93 24.19
N ARG D 40 -25.70 11.80 23.55
CA ARG D 40 -25.94 11.68 22.12
C ARG D 40 -24.66 11.94 21.34
N ARG D 41 -24.57 11.32 20.16
CA ARG D 41 -23.45 11.57 19.28
C ARG D 41 -23.58 12.96 18.65
N ARG D 42 -22.45 13.64 18.52
CA ARG D 42 -22.38 14.97 17.93
C ARG D 42 -21.69 14.89 16.57
N ILE D 43 -22.29 15.48 15.55
CA ILE D 43 -21.69 15.56 14.22
C ILE D 43 -21.85 16.98 13.71
N VAL D 44 -20.74 17.58 13.30
CA VAL D 44 -20.77 18.92 12.70
C VAL D 44 -21.12 18.78 11.22
N VAL D 45 -22.14 19.51 10.79
CA VAL D 45 -22.55 19.55 9.39
C VAL D 45 -22.22 20.94 8.85
N ALA D 46 -21.32 20.99 7.89
CA ALA D 46 -20.92 22.25 7.26
C ALA D 46 -21.31 22.23 5.79
N MET D 47 -21.89 23.33 5.32
CA MET D 47 -22.27 23.49 3.93
C MET D 47 -21.50 24.66 3.33
N THR D 48 -21.00 24.47 2.11
CA THR D 48 -20.25 25.50 1.40
C THR D 48 -20.92 25.77 0.05
N GLY D 49 -20.37 26.72 -0.69
CA GLY D 49 -20.99 27.25 -1.89
C GLY D 49 -20.78 26.44 -3.16
N ALA D 50 -20.61 25.13 -3.03
CA ALA D 50 -20.64 24.26 -4.19
C ALA D 50 -22.07 23.86 -4.50
N THR D 51 -22.35 23.61 -5.77
CA THR D 51 -23.69 23.17 -6.15
C THR D 51 -23.98 21.81 -5.53
N GLY D 52 -25.24 21.60 -5.16
CA GLY D 52 -25.63 20.40 -4.45
C GLY D 52 -26.02 20.68 -3.01
N ALA D 53 -26.68 21.83 -2.80
CA ALA D 53 -27.14 22.19 -1.45
C ALA D 53 -28.09 21.16 -0.89
N MET D 54 -28.88 20.50 -1.75
CA MET D 54 -29.84 19.51 -1.28
C MET D 54 -29.15 18.34 -0.59
N LEU D 55 -27.90 18.05 -0.96
CA LEU D 55 -27.16 16.99 -0.28
C LEU D 55 -26.98 17.30 1.20
N GLY D 56 -26.60 18.53 1.52
CA GLY D 56 -26.42 18.90 2.91
C GLY D 56 -27.73 18.93 3.68
N ILE D 57 -28.80 19.40 3.04
CA ILE D 57 -30.11 19.43 3.69
C ILE D 57 -30.56 18.01 4.05
N LYS D 58 -30.43 17.08 3.10
CA LYS D 58 -30.83 15.70 3.36
C LYS D 58 -29.92 15.01 4.36
N VAL D 59 -28.67 15.46 4.51
CA VAL D 59 -27.82 14.92 5.56
C VAL D 59 -28.35 15.33 6.93
N LEU D 60 -28.75 16.59 7.07
CA LEU D 60 -29.34 17.06 8.32
C LEU D 60 -30.62 16.29 8.64
N ILE D 61 -31.50 16.14 7.66
CA ILE D 61 -32.74 15.39 7.84
C ILE D 61 -32.43 13.97 8.27
N ALA D 62 -31.50 13.31 7.57
CA ALA D 62 -31.10 11.95 7.95
C ALA D 62 -30.57 11.92 9.37
N LEU D 63 -29.54 12.71 9.65
CA LEU D 63 -28.90 12.67 10.96
C LEU D 63 -29.90 12.92 12.09
N ARG D 64 -30.92 13.74 11.84
CA ARG D 64 -31.94 13.97 12.87
C ARG D 64 -32.74 12.69 13.14
N ARG D 65 -33.16 11.99 12.08
CA ARG D 65 -33.95 10.78 12.25
C ARG D 65 -33.17 9.70 12.99
N LEU D 66 -31.85 9.70 12.88
CA LEU D 66 -30.99 8.75 13.59
C LEU D 66 -30.53 9.25 14.96
N ASN D 67 -31.15 10.32 15.47
CA ASN D 67 -30.92 10.81 16.84
C ASN D 67 -29.48 11.26 17.06
N VAL D 68 -28.91 11.92 16.06
CA VAL D 68 -27.59 12.54 16.19
C VAL D 68 -27.78 14.03 16.44
N GLU D 69 -27.04 14.57 17.41
CA GLU D 69 -27.05 15.99 17.68
C GLU D 69 -26.20 16.70 16.63
N THR D 70 -26.83 17.48 15.77
CA THR D 70 -26.16 18.12 14.65
C THR D 70 -25.82 19.57 14.98
N HIS D 71 -24.63 19.98 14.56
CA HIS D 71 -24.16 21.36 14.71
C HIS D 71 -23.88 21.90 13.30
N LEU D 72 -24.73 22.82 12.85
CA LEU D 72 -24.69 23.30 11.48
C LEU D 72 -23.91 24.60 11.37
N VAL D 73 -23.04 24.66 10.36
CA VAL D 73 -22.37 25.88 9.95
C VAL D 73 -22.56 26.03 8.44
N MET D 74 -23.08 27.16 8.01
CA MET D 74 -23.32 27.44 6.60
C MET D 74 -22.42 28.57 6.13
N SER D 75 -21.75 28.38 5.00
CA SER D 75 -20.97 29.46 4.43
C SER D 75 -21.90 30.50 3.81
N LYS D 76 -21.33 31.66 3.50
CA LYS D 76 -22.10 32.73 2.86
C LYS D 76 -22.65 32.29 1.51
N TRP D 77 -21.78 31.71 0.68
CA TRP D 77 -22.18 31.23 -0.64
C TRP D 77 -22.98 29.94 -0.58
N ALA D 78 -22.88 29.19 0.52
CA ALA D 78 -23.82 28.10 0.75
C ALA D 78 -25.25 28.62 0.87
N GLU D 79 -25.43 29.70 1.64
CA GLU D 79 -26.75 30.29 1.77
C GLU D 79 -27.27 30.76 0.42
N ALA D 80 -26.39 31.31 -0.42
CA ALA D 80 -26.81 31.74 -1.76
C ALA D 80 -27.21 30.55 -2.62
N THR D 81 -26.46 29.45 -2.54
CA THR D 81 -26.79 28.29 -3.36
C THR D 81 -28.05 27.60 -2.85
N ILE D 82 -28.24 27.57 -1.53
CA ILE D 82 -29.49 27.03 -0.99
C ILE D 82 -30.69 27.76 -1.57
N LYS D 83 -30.61 29.10 -1.63
CA LYS D 83 -31.72 29.89 -2.15
C LYS D 83 -31.95 29.62 -3.63
N TYR D 84 -30.88 29.45 -4.41
CA TYR D 84 -31.01 29.46 -5.85
C TYR D 84 -31.51 28.13 -6.41
N GLU D 85 -31.02 27.00 -5.88
CA GLU D 85 -31.31 25.71 -6.48
C GLU D 85 -32.23 24.83 -5.64
N THR D 86 -32.67 25.28 -4.47
CA THR D 86 -33.64 24.55 -3.68
C THR D 86 -34.84 25.45 -3.38
N ASP D 87 -35.91 24.83 -2.88
CA ASP D 87 -37.07 25.55 -2.38
C ASP D 87 -36.91 25.92 -0.91
N TYR D 88 -35.81 25.55 -0.28
CA TYR D 88 -35.56 25.90 1.10
C TYR D 88 -34.99 27.31 1.20
N HIS D 89 -35.28 27.95 2.29
CA HIS D 89 -34.60 29.16 2.73
C HIS D 89 -33.59 28.82 3.81
N PRO D 90 -32.48 29.56 3.91
CA PRO D 90 -31.49 29.27 4.97
C PRO D 90 -32.10 29.11 6.35
N SER D 91 -33.14 29.89 6.68
CA SER D 91 -33.82 29.72 7.96
C SER D 91 -34.47 28.35 8.06
N ASN D 92 -35.02 27.85 6.95
CA ASN D 92 -35.58 26.50 6.94
C ASN D 92 -34.50 25.47 7.20
N VAL D 93 -33.30 25.67 6.64
CA VAL D 93 -32.20 24.74 6.87
C VAL D 93 -31.76 24.79 8.32
N ARG D 94 -31.66 26.00 8.89
CA ARG D 94 -31.24 26.13 10.28
C ARG D 94 -32.18 25.41 11.23
N ALA D 95 -33.47 25.35 10.89
CA ALA D 95 -34.43 24.65 11.74
C ALA D 95 -34.24 23.14 11.71
N LEU D 96 -33.50 22.61 10.74
CA LEU D 96 -33.23 21.17 10.69
C LEU D 96 -32.11 20.75 11.61
N ALA D 97 -31.35 21.68 12.18
CA ALA D 97 -30.21 21.36 13.01
C ALA D 97 -30.51 21.66 14.47
N ASP D 98 -29.84 20.92 15.36
CA ASP D 98 -30.01 21.15 16.79
C ASP D 98 -29.31 22.42 17.23
N TYR D 99 -28.16 22.73 16.63
CA TYR D 99 -27.43 23.95 16.94
C TYR D 99 -26.86 24.54 15.67
N VAL D 100 -26.84 25.87 15.58
CA VAL D 100 -26.29 26.60 14.45
C VAL D 100 -25.24 27.56 14.98
N HIS D 101 -24.12 27.66 14.27
CA HIS D 101 -23.04 28.57 14.63
C HIS D 101 -22.71 29.46 13.44
N ASN D 102 -22.36 30.71 13.72
CA ASN D 102 -22.07 31.67 12.65
C ASN D 102 -20.74 31.35 12.00
N ILE D 103 -20.66 31.58 10.68
CA ILE D 103 -19.49 31.17 9.92
C ILE D 103 -18.25 31.93 10.36
N ASN D 104 -18.40 33.14 10.88
CA ASN D 104 -17.27 33.96 11.28
C ASN D 104 -17.02 33.94 12.78
N ASP D 105 -17.77 33.15 13.54
CA ASP D 105 -17.65 33.10 15.00
C ASP D 105 -16.59 32.06 15.35
N MET D 106 -15.34 32.50 15.39
CA MET D 106 -14.24 31.62 15.77
C MET D 106 -14.22 31.28 17.25
N ALA D 107 -15.13 31.85 18.04
CA ALA D 107 -15.27 31.51 19.45
C ALA D 107 -16.38 30.50 19.71
N ALA D 108 -17.01 29.98 18.64
CA ALA D 108 -18.06 28.97 18.81
C ALA D 108 -17.49 27.72 19.48
N PRO D 109 -18.35 26.95 20.14
CA PRO D 109 -17.83 25.77 20.87
C PRO D 109 -17.11 24.76 19.99
N VAL D 110 -17.60 24.54 18.76
CA VAL D 110 -17.00 23.54 17.89
C VAL D 110 -15.60 23.91 17.42
N SER D 111 -15.17 25.16 17.63
N SER D 111 -15.17 25.16 17.63
CA SER D 111 -13.87 25.61 17.18
CA SER D 111 -13.87 25.60 17.16
C SER D 111 -12.72 25.08 18.02
C SER D 111 -12.71 25.12 18.05
N SER D 112 -13.00 24.49 19.18
CA SER D 112 -11.97 24.02 20.09
C SER D 112 -11.95 22.49 20.15
N GLY D 113 -10.74 21.92 20.23
CA GLY D 113 -10.60 20.49 20.39
C GLY D 113 -11.10 19.96 21.71
N SER D 114 -11.20 20.82 22.73
CA SER D 114 -11.78 20.40 24.00
C SER D 114 -13.25 20.04 23.84
N PHE D 115 -13.96 20.71 22.94
CA PHE D 115 -15.32 20.32 22.61
C PHE D 115 -15.31 18.94 21.96
N ARG D 116 -16.00 17.99 22.58
CA ARG D 116 -16.01 16.63 22.07
C ARG D 116 -17.05 16.49 20.97
N ALA D 117 -16.64 15.92 19.84
CA ALA D 117 -17.53 15.64 18.74
C ALA D 117 -17.11 14.33 18.10
N ASP D 118 -18.06 13.67 17.43
CA ASP D 118 -17.80 12.37 16.84
C ASP D 118 -17.41 12.44 15.38
N GLY D 119 -17.72 13.51 14.67
CA GLY D 119 -17.40 13.60 13.26
C GLY D 119 -17.76 14.96 12.70
N MET D 120 -17.29 15.19 11.47
CA MET D 120 -17.62 16.38 10.71
C MET D 120 -17.76 16.00 9.24
N ILE D 121 -18.77 16.54 8.60
CA ILE D 121 -18.98 16.34 7.17
C ILE D 121 -19.23 17.71 6.54
N VAL D 122 -18.45 18.03 5.51
CA VAL D 122 -18.66 19.24 4.70
C VAL D 122 -19.39 18.81 3.44
N VAL D 123 -20.67 19.18 3.34
CA VAL D 123 -21.53 18.66 2.28
C VAL D 123 -22.48 19.75 1.79
N PRO D 124 -22.34 20.22 0.54
CA PRO D 124 -21.23 19.86 -0.35
C PRO D 124 -19.98 20.67 -0.01
N CYS D 125 -18.81 20.23 -0.49
CA CYS D 125 -17.54 20.89 -0.19
C CYS D 125 -16.99 21.50 -1.47
N SER D 126 -16.84 22.81 -1.48
CA SER D 126 -16.28 23.49 -2.64
C SER D 126 -14.76 23.27 -2.70
N MET D 127 -14.19 23.55 -3.86
CA MET D 127 -12.73 23.51 -3.99
C MET D 127 -12.08 24.57 -3.11
N LYS D 128 -12.74 25.70 -2.91
CA LYS D 128 -12.20 26.73 -2.02
C LYS D 128 -12.02 26.20 -0.60
N THR D 129 -13.05 25.56 -0.05
CA THR D 129 -12.96 25.08 1.33
C THR D 129 -12.04 23.87 1.42
N LEU D 130 -12.08 22.99 0.42
CA LEU D 130 -11.08 21.92 0.33
C LEU D 130 -9.66 22.49 0.43
N ALA D 131 -9.41 23.59 -0.28
CA ALA D 131 -8.08 24.18 -0.27
C ALA D 131 -7.77 24.82 1.08
N ALA D 132 -8.75 25.47 1.70
CA ALA D 132 -8.53 26.04 3.02
C ALA D 132 -8.13 24.96 4.02
N ILE D 133 -8.78 23.79 3.94
CA ILE D 133 -8.45 22.70 4.84
C ILE D 133 -7.08 22.11 4.51
N HIS D 134 -6.81 21.90 3.22
CA HIS D 134 -5.51 21.36 2.82
C HIS D 134 -4.38 22.29 3.23
N SER D 135 -4.50 23.57 2.90
CA SER D 135 -3.43 24.52 3.20
C SER D 135 -3.31 24.80 4.70
N GLY D 136 -4.38 24.61 5.45
CA GLY D 136 -4.41 24.98 6.85
C GLY D 136 -4.83 26.41 7.12
N PHE D 137 -5.19 27.18 6.08
CA PHE D 137 -5.61 28.57 6.25
C PHE D 137 -7.03 28.56 6.79
N CYS D 138 -7.13 28.38 8.11
N CYS D 138 -7.13 28.38 8.11
CA CYS D 138 -8.42 28.20 8.78
CA CYS D 138 -8.42 28.20 8.78
C CYS D 138 -8.92 29.54 9.30
C CYS D 138 -8.92 29.54 9.30
N ASP D 139 -9.49 30.33 8.38
CA ASP D 139 -9.94 31.68 8.69
C ASP D 139 -11.46 31.81 8.79
N ASP D 140 -12.20 30.70 8.74
CA ASP D 140 -13.62 30.72 9.10
C ASP D 140 -13.91 29.49 9.94
N LEU D 141 -15.15 29.41 10.43
CA LEU D 141 -15.49 28.35 11.38
C LEU D 141 -15.50 26.98 10.72
N ILE D 142 -15.86 26.90 9.44
CA ILE D 142 -15.87 25.62 8.75
C ILE D 142 -14.44 25.07 8.64
N SER D 143 -13.51 25.87 8.13
CA SER D 143 -12.15 25.39 7.96
C SER D 143 -11.44 25.20 9.29
N ARG D 144 -11.72 26.05 10.29
CA ARG D 144 -11.09 25.87 11.59
C ARG D 144 -11.59 24.62 12.29
N THR D 145 -12.90 24.37 12.25
CA THR D 145 -13.42 23.16 12.85
C THR D 145 -12.86 21.92 12.16
N ALA D 146 -12.82 21.93 10.82
CA ALA D 146 -12.20 20.84 10.09
C ALA D 146 -10.73 20.68 10.48
N ASP D 147 -10.02 21.81 10.63
CA ASP D 147 -8.63 21.75 11.07
C ASP D 147 -8.50 21.08 12.43
N VAL D 148 -9.46 21.34 13.33
CA VAL D 148 -9.43 20.75 14.66
C VAL D 148 -9.76 19.27 14.60
N MET D 149 -10.72 18.88 13.76
CA MET D 149 -11.06 17.47 13.61
C MET D 149 -9.86 16.64 13.20
N LEU D 150 -9.03 17.17 12.30
CA LEU D 150 -7.86 16.43 11.83
C LEU D 150 -6.83 16.27 12.94
N LYS D 151 -6.58 17.33 13.71
CA LYS D 151 -5.58 17.24 14.76
C LYS D 151 -6.04 16.36 15.92
N GLU D 152 -7.35 16.31 16.17
CA GLU D 152 -7.89 15.44 17.22
C GLU D 152 -8.20 14.04 16.70
N ARG D 153 -7.87 13.75 15.44
CA ARG D 153 -8.01 12.41 14.86
C ARG D 153 -9.46 11.95 14.84
N ARG D 154 -10.36 12.85 14.48
CA ARG D 154 -11.77 12.52 14.33
C ARG D 154 -12.13 12.48 12.85
N ARG D 155 -13.21 11.75 12.54
CA ARG D 155 -13.58 11.49 11.16
C ARG D 155 -14.05 12.77 10.48
N LEU D 156 -13.41 13.11 9.36
CA LEU D 156 -13.77 14.27 8.55
C LEU D 156 -14.05 13.81 7.13
N VAL D 157 -15.27 14.08 6.65
CA VAL D 157 -15.71 13.68 5.32
C VAL D 157 -15.95 14.94 4.50
N LEU D 158 -15.28 15.05 3.35
CA LEU D 158 -15.43 16.20 2.46
C LEU D 158 -16.12 15.72 1.19
N VAL D 159 -17.37 16.15 1.01
CA VAL D 159 -18.11 15.83 -0.21
C VAL D 159 -17.71 16.82 -1.29
N ALA D 160 -16.49 16.65 -1.81
CA ALA D 160 -15.89 17.61 -2.72
C ALA D 160 -16.52 17.50 -4.10
N ARG D 161 -17.17 18.57 -4.56
CA ARG D 161 -17.90 18.58 -5.82
C ARG D 161 -17.21 19.55 -6.78
N GLU D 162 -16.67 19.01 -7.88
CA GLU D 162 -16.08 19.80 -8.95
C GLU D 162 -15.72 18.86 -10.10
N THR D 163 -15.91 19.33 -11.33
CA THR D 163 -15.49 18.55 -12.48
C THR D 163 -15.34 19.47 -13.68
N PRO D 164 -14.32 19.26 -14.54
CA PRO D 164 -13.26 18.28 -14.32
C PRO D 164 -12.32 18.75 -13.20
N LEU D 165 -11.33 17.93 -12.86
CA LEU D 165 -10.41 18.24 -11.78
C LEU D 165 -9.06 18.64 -12.34
N SER D 166 -8.50 19.71 -11.78
CA SER D 166 -7.15 20.13 -12.11
C SER D 166 -6.15 19.41 -11.20
N GLU D 167 -4.87 19.57 -11.53
CA GLU D 167 -3.82 19.03 -10.66
C GLU D 167 -3.85 19.67 -9.28
N ILE D 168 -4.31 20.93 -9.20
CA ILE D 168 -4.47 21.59 -7.91
C ILE D 168 -5.50 20.87 -7.05
N HIS D 169 -6.68 20.61 -7.63
CA HIS D 169 -7.73 19.91 -6.90
C HIS D 169 -7.24 18.55 -6.43
N LEU D 170 -6.62 17.79 -7.34
CA LEU D 170 -6.24 16.40 -7.01
C LEU D 170 -5.11 16.36 -6.00
N ARG D 171 -4.15 17.29 -6.10
CA ARG D 171 -3.10 17.38 -5.09
C ARG D 171 -3.69 17.68 -3.72
N ASN D 172 -4.65 18.61 -3.65
CA ASN D 172 -5.29 18.92 -2.38
C ASN D 172 -6.07 17.71 -1.85
N MET D 173 -6.78 17.00 -2.73
CA MET D 173 -7.52 15.81 -2.30
C MET D 173 -6.58 14.74 -1.78
N LEU D 174 -5.51 14.46 -2.53
CA LEU D 174 -4.58 13.40 -2.13
C LEU D 174 -3.91 13.72 -0.80
N GLU D 175 -3.41 14.95 -0.66
CA GLU D 175 -2.64 15.30 0.53
C GLU D 175 -3.53 15.49 1.75
N VAL D 176 -4.75 16.00 1.58
CA VAL D 176 -5.65 16.10 2.72
C VAL D 176 -6.14 14.71 3.11
N THR D 177 -6.22 13.78 2.15
CA THR D 177 -6.53 12.39 2.48
C THR D 177 -5.45 11.79 3.37
N ARG D 178 -4.18 12.01 3.01
CA ARG D 178 -3.07 11.50 3.81
C ARG D 178 -3.07 12.12 5.21
N ALA D 179 -3.58 13.35 5.34
CA ALA D 179 -3.70 13.98 6.66
C ALA D 179 -4.87 13.42 7.46
N GLY D 180 -5.80 12.69 6.84
CA GLY D 180 -6.84 12.03 7.59
C GLY D 180 -8.25 12.18 7.05
N ALA D 181 -8.46 13.10 6.11
CA ALA D 181 -9.80 13.34 5.61
C ALA D 181 -10.23 12.28 4.60
N VAL D 182 -11.53 12.18 4.39
CA VAL D 182 -12.12 11.29 3.39
C VAL D 182 -12.74 12.15 2.30
N ILE D 183 -12.31 11.93 1.06
CA ILE D 183 -12.90 12.61 -0.09
C ILE D 183 -14.05 11.77 -0.61
N PHE D 184 -15.24 12.37 -0.68
CA PHE D 184 -16.46 11.70 -1.13
C PHE D 184 -17.06 12.50 -2.28
N PRO D 185 -16.63 12.23 -3.52
CA PRO D 185 -17.30 12.85 -4.67
C PRO D 185 -18.73 12.36 -4.78
N PRO D 186 -19.70 13.28 -4.89
CA PRO D 186 -21.11 12.86 -4.97
C PRO D 186 -21.50 12.34 -6.35
N VAL D 187 -20.86 11.25 -6.76
CA VAL D 187 -21.15 10.64 -8.06
C VAL D 187 -22.33 9.69 -7.91
N PRO D 188 -23.29 9.70 -8.83
CA PRO D 188 -24.49 8.88 -8.64
C PRO D 188 -24.20 7.39 -8.79
N ALA D 189 -24.92 6.59 -8.03
CA ALA D 189 -24.85 5.13 -8.10
C ALA D 189 -26.04 4.68 -8.95
N PHE D 190 -25.83 4.65 -10.26
CA PHE D 190 -26.92 4.32 -11.18
C PHE D 190 -27.36 2.87 -11.09
N TYR D 191 -26.54 1.99 -10.49
CA TYR D 191 -26.89 0.58 -10.42
C TYR D 191 -28.10 0.31 -9.52
N ILE D 192 -28.50 1.28 -8.69
CA ILE D 192 -29.70 1.11 -7.87
C ILE D 192 -30.98 1.25 -8.68
N LYS D 193 -30.87 1.60 -9.97
CA LYS D 193 -32.03 1.76 -10.86
C LYS D 193 -33.05 2.72 -10.24
N ALA D 194 -32.62 3.96 -10.05
CA ALA D 194 -33.43 4.97 -9.40
C ALA D 194 -34.51 5.51 -10.34
N GLY D 195 -35.60 5.95 -9.75
CA GLY D 195 -36.70 6.52 -10.53
C GLY D 195 -36.70 8.03 -10.51
N SER D 196 -35.93 8.63 -9.61
CA SER D 196 -35.91 10.08 -9.47
C SER D 196 -34.53 10.53 -9.01
N ILE D 197 -34.29 11.84 -9.16
CA ILE D 197 -33.05 12.43 -8.65
C ILE D 197 -32.94 12.22 -7.15
N GLU D 198 -34.07 12.31 -6.44
CA GLU D 198 -34.06 12.17 -4.99
C GLU D 198 -33.61 10.78 -4.56
N ASP D 199 -33.96 9.75 -5.33
CA ASP D 199 -33.52 8.40 -4.99
C ASP D 199 -32.00 8.28 -5.06
N LEU D 200 -31.38 8.92 -6.05
CA LEU D 200 -29.92 8.90 -6.14
C LEU D 200 -29.28 9.70 -5.03
N ILE D 201 -29.91 10.82 -4.64
CA ILE D 201 -29.39 11.61 -3.52
C ILE D 201 -29.48 10.82 -2.23
N ASP D 202 -30.60 10.10 -2.02
CA ASP D 202 -30.77 9.30 -0.81
C ASP D 202 -29.68 8.26 -0.69
N GLN D 203 -29.34 7.59 -1.80
CA GLN D 203 -28.28 6.59 -1.76
C GLN D 203 -26.94 7.23 -1.43
N SER D 204 -26.64 8.39 -2.02
CA SER D 204 -25.39 9.08 -1.72
C SER D 204 -25.31 9.48 -0.26
N VAL D 205 -26.40 10.04 0.28
CA VAL D 205 -26.42 10.43 1.68
C VAL D 205 -26.20 9.23 2.59
N GLY D 206 -26.81 8.10 2.25
CA GLY D 206 -26.62 6.90 3.05
C GLY D 206 -25.18 6.42 3.05
N ARG D 207 -24.53 6.45 1.89
CA ARG D 207 -23.14 6.02 1.82
C ARG D 207 -22.21 7.00 2.53
N MET D 208 -22.53 8.29 2.51
CA MET D 208 -21.78 9.26 3.30
C MET D 208 -21.80 8.88 4.77
N LEU D 209 -22.99 8.65 5.32
CA LEU D 209 -23.13 8.40 6.75
C LEU D 209 -22.63 7.02 7.14
N ASP D 210 -22.48 6.10 6.18
CA ASP D 210 -21.79 4.84 6.45
C ASP D 210 -20.39 5.08 7.01
N LEU D 211 -19.75 6.18 6.61
CA LEU D 211 -18.41 6.49 7.07
C LEU D 211 -18.36 6.89 8.53
N PHE D 212 -19.50 7.21 9.14
CA PHE D 212 -19.60 7.43 10.58
C PHE D 212 -20.20 6.24 11.31
N ASP D 213 -20.27 5.09 10.64
N ASP D 213 -20.26 5.08 10.65
CA ASP D 213 -20.92 3.89 11.18
CA ASP D 213 -20.93 3.89 11.17
C ASP D 213 -22.38 4.19 11.57
C ASP D 213 -22.36 4.22 11.57
N LEU D 214 -23.10 4.76 10.61
CA LEU D 214 -24.52 5.07 10.76
C LEU D 214 -25.26 4.48 9.57
N ASP D 215 -26.42 3.88 9.84
CA ASP D 215 -27.20 3.18 8.83
C ASP D 215 -28.54 3.87 8.68
N THR D 216 -28.71 4.62 7.58
CA THR D 216 -29.99 5.25 7.32
C THR D 216 -31.08 4.22 7.04
N GLY D 217 -30.70 3.04 6.55
CA GLY D 217 -31.69 2.05 6.15
C GLY D 217 -32.65 2.53 5.10
N ASP D 218 -32.31 3.59 4.35
N ASP D 218 -32.26 3.57 4.35
CA ASP D 218 -33.22 4.15 3.37
CA ASP D 218 -33.12 4.26 3.39
C ASP D 218 -32.72 3.98 1.94
C ASP D 218 -32.76 3.94 1.95
N PHE D 219 -31.81 3.03 1.72
CA PHE D 219 -31.37 2.72 0.37
C PHE D 219 -31.03 1.23 0.30
N GLU D 220 -31.04 0.70 -0.92
CA GLU D 220 -30.82 -0.72 -1.16
C GLU D 220 -29.30 -0.98 -1.24
N ARG D 221 -28.77 -1.64 -0.23
CA ARG D 221 -27.37 -2.05 -0.27
C ARG D 221 -27.18 -3.19 -1.26
N TRP D 222 -26.00 -3.22 -1.88
CA TRP D 222 -25.73 -4.21 -2.91
C TRP D 222 -25.63 -5.62 -2.32
N ASN D 223 -26.22 -6.58 -3.02
CA ASN D 223 -26.15 -7.98 -2.64
C ASN D 223 -26.33 -8.86 -3.87
N GLY D 224 -25.52 -8.65 -4.90
CA GLY D 224 -25.67 -9.36 -6.15
C GLY D 224 -26.65 -8.70 -7.08
N TRP D 225 -26.82 -9.32 -8.25
CA TRP D 225 -27.76 -8.83 -9.25
C TRP D 225 -29.19 -8.81 -8.70
N ARG E 39 26.05 -26.85 -15.06
CA ARG E 39 27.40 -26.54 -15.54
C ARG E 39 27.36 -25.38 -16.53
N ARG E 40 26.43 -25.45 -17.47
CA ARG E 40 26.30 -24.39 -18.48
C ARG E 40 25.58 -23.19 -17.92
N ARG E 41 25.87 -22.03 -18.51
CA ARG E 41 25.16 -20.81 -18.13
C ARG E 41 23.71 -20.86 -18.59
N ARG E 42 22.82 -20.41 -17.72
CA ARG E 42 21.38 -20.37 -18.01
C ARG E 42 20.93 -18.93 -18.15
N ILE E 43 20.23 -18.62 -19.25
CA ILE E 43 19.65 -17.32 -19.47
C ILE E 43 18.21 -17.50 -19.92
N VAL E 44 17.28 -16.86 -19.22
CA VAL E 44 15.88 -16.86 -19.63
C VAL E 44 15.70 -15.84 -20.74
N VAL E 45 15.10 -16.29 -21.85
CA VAL E 45 14.79 -15.43 -22.99
C VAL E 45 13.28 -15.33 -23.07
N ALA E 46 12.75 -14.11 -22.90
CA ALA E 46 11.32 -13.86 -22.94
C ALA E 46 10.99 -12.95 -24.11
N MET E 47 10.00 -13.33 -24.90
CA MET E 47 9.53 -12.53 -26.02
C MET E 47 8.12 -12.04 -25.74
N THR E 48 7.88 -10.75 -25.97
CA THR E 48 6.57 -10.15 -25.79
C THR E 48 6.10 -9.51 -27.09
N GLY E 49 4.86 -9.03 -27.07
CA GLY E 49 4.18 -8.61 -28.28
C GLY E 49 4.49 -7.22 -28.79
N ALA E 50 5.73 -6.77 -28.64
CA ALA E 50 6.16 -5.56 -29.31
C ALA E 50 6.76 -5.90 -30.66
N THR E 51 6.72 -4.94 -31.58
CA THR E 51 7.33 -5.18 -32.89
C THR E 51 8.84 -5.35 -32.73
N GLY E 52 9.40 -6.26 -33.52
CA GLY E 52 10.80 -6.60 -33.39
C GLY E 52 11.04 -8.03 -32.94
N ALA E 53 10.17 -8.95 -33.39
CA ALA E 53 10.32 -10.35 -33.02
C ALA E 53 11.66 -10.92 -33.47
N MET E 54 12.19 -10.42 -34.60
CA MET E 54 13.46 -10.94 -35.11
C MET E 54 14.60 -10.72 -34.12
N LEU E 55 14.50 -9.69 -33.28
CA LEU E 55 15.52 -9.48 -32.25
C LEU E 55 15.55 -10.65 -31.27
N GLY E 56 14.38 -11.11 -30.84
CA GLY E 56 14.33 -12.25 -29.93
C GLY E 56 14.83 -13.53 -30.59
N ILE E 57 14.48 -13.73 -31.86
CA ILE E 57 14.94 -14.92 -32.58
C ILE E 57 16.46 -14.91 -32.70
N LYS E 58 17.04 -13.76 -33.05
CA LYS E 58 18.49 -13.69 -33.22
C LYS E 58 19.21 -13.75 -31.88
N VAL E 59 18.56 -13.34 -30.79
CA VAL E 59 19.13 -13.54 -29.47
C VAL E 59 19.25 -15.03 -29.17
N LEU E 60 18.20 -15.80 -29.49
CA LEU E 60 18.24 -17.24 -29.25
C LEU E 60 19.33 -17.91 -30.06
N ILE E 61 19.49 -17.51 -31.32
CA ILE E 61 20.53 -18.10 -32.16
C ILE E 61 21.91 -17.77 -31.62
N ALA E 62 22.12 -16.52 -31.22
CA ALA E 62 23.42 -16.10 -30.72
C ALA E 62 23.77 -16.83 -29.43
N LEU E 63 22.78 -16.99 -28.53
CA LEU E 63 23.05 -17.65 -27.26
C LEU E 63 23.34 -19.13 -27.45
N ARG E 64 22.64 -19.78 -28.40
CA ARG E 64 22.94 -21.17 -28.72
C ARG E 64 24.38 -21.31 -29.21
N ARG E 65 24.81 -20.41 -30.10
CA ARG E 65 26.19 -20.42 -30.58
C ARG E 65 27.19 -20.27 -29.45
N LEU E 66 26.82 -19.54 -28.40
CA LEU E 66 27.71 -19.27 -27.28
C LEU E 66 27.62 -20.34 -26.19
N ASN E 67 26.94 -21.45 -26.46
CA ASN E 67 26.84 -22.58 -25.53
C ASN E 67 26.14 -22.18 -24.22
N VAL E 68 25.11 -21.35 -24.35
CA VAL E 68 24.30 -20.92 -23.21
C VAL E 68 23.00 -21.69 -23.22
N GLU E 69 22.63 -22.27 -22.08
CA GLU E 69 21.36 -22.96 -21.95
C GLU E 69 20.24 -21.92 -21.86
N THR E 70 19.34 -21.94 -22.84
CA THR E 70 18.29 -20.93 -22.95
C THR E 70 16.94 -21.50 -22.56
N HIS E 71 16.18 -20.71 -21.80
CA HIS E 71 14.83 -21.06 -21.38
C HIS E 71 13.88 -20.01 -21.98
N LEU E 72 13.07 -20.42 -22.94
CA LEU E 72 12.25 -19.51 -23.72
C LEU E 72 10.82 -19.45 -23.18
N VAL E 73 10.29 -18.23 -23.10
CA VAL E 73 8.88 -17.99 -22.80
C VAL E 73 8.36 -16.96 -23.79
N MET E 74 7.26 -17.29 -24.46
CA MET E 74 6.65 -16.41 -25.44
C MET E 74 5.25 -16.03 -24.98
N SER E 75 4.97 -14.72 -24.97
CA SER E 75 3.62 -14.26 -24.69
C SER E 75 2.71 -14.57 -25.88
N LYS E 76 1.40 -14.46 -25.63
CA LYS E 76 0.43 -14.71 -26.69
C LYS E 76 0.62 -13.77 -27.86
N TRP E 77 0.84 -12.48 -27.59
CA TRP E 77 0.97 -11.51 -28.67
C TRP E 77 2.36 -11.53 -29.29
N ALA E 78 3.36 -12.07 -28.60
CA ALA E 78 4.64 -12.31 -29.25
C ALA E 78 4.51 -13.38 -30.33
N GLU E 79 3.71 -14.41 -30.08
CA GLU E 79 3.48 -15.44 -31.10
C GLU E 79 2.79 -14.86 -32.32
N ALA E 80 1.78 -14.02 -32.11
CA ALA E 80 1.14 -13.34 -33.23
C ALA E 80 2.12 -12.44 -33.96
N THR E 81 3.00 -11.75 -33.21
CA THR E 81 3.98 -10.88 -33.85
C THR E 81 5.01 -11.68 -34.64
N ILE E 82 5.49 -12.79 -34.08
CA ILE E 82 6.41 -13.66 -34.81
C ILE E 82 5.82 -14.06 -36.16
N LYS E 83 4.55 -14.47 -36.16
CA LYS E 83 3.92 -14.92 -37.39
C LYS E 83 3.81 -13.80 -38.41
N TYR E 84 3.53 -12.58 -37.95
CA TYR E 84 3.15 -11.50 -38.87
C TYR E 84 4.37 -10.88 -39.56
N GLU E 85 5.45 -10.62 -38.83
CA GLU E 85 6.57 -9.88 -39.39
C GLU E 85 7.82 -10.73 -39.63
N THR E 86 7.75 -12.05 -39.42
CA THR E 86 8.86 -12.94 -39.74
C THR E 86 8.35 -14.14 -40.54
N ASP E 87 9.29 -14.88 -41.11
CA ASP E 87 9.00 -16.14 -41.79
C ASP E 87 8.97 -17.32 -40.83
N TYR E 88 9.19 -17.08 -39.54
CA TYR E 88 9.17 -18.16 -38.57
C TYR E 88 7.75 -18.45 -38.09
N HIS E 89 7.50 -19.69 -37.81
CA HIS E 89 6.37 -20.10 -37.01
C HIS E 89 6.81 -20.21 -35.55
N PRO E 90 5.93 -19.92 -34.58
CA PRO E 90 6.33 -20.07 -33.17
C PRO E 90 6.99 -21.39 -32.84
N SER E 91 6.59 -22.48 -33.51
CA SER E 91 7.22 -23.77 -33.29
C SER E 91 8.68 -23.77 -33.75
N ASN E 92 8.99 -23.02 -34.81
CA ASN E 92 10.39 -22.89 -35.23
C ASN E 92 11.21 -22.14 -34.19
N VAL E 93 10.61 -21.12 -33.57
CA VAL E 93 11.32 -20.38 -32.53
C VAL E 93 11.55 -21.26 -31.30
N ARG E 94 10.55 -22.07 -30.93
CA ARG E 94 10.71 -22.96 -29.79
C ARG E 94 11.84 -23.96 -30.01
N ALA E 95 12.06 -24.37 -31.26
CA ALA E 95 13.14 -25.31 -31.55
C ALA E 95 14.52 -24.68 -31.38
N LEU E 96 14.61 -23.35 -31.40
CA LEU E 96 15.89 -22.67 -31.19
C LEU E 96 16.31 -22.65 -29.73
N ALA E 97 15.43 -23.00 -28.81
CA ALA E 97 15.71 -22.92 -27.38
C ALA E 97 15.88 -24.31 -26.79
N ASP E 98 16.67 -24.39 -25.72
CA ASP E 98 16.88 -25.67 -25.05
C ASP E 98 15.65 -26.08 -24.24
N TYR E 99 15.00 -25.13 -23.59
CA TYR E 99 13.77 -25.41 -22.86
C TYR E 99 12.75 -24.32 -23.15
N VAL E 100 11.48 -24.72 -23.14
CA VAL E 100 10.36 -23.82 -23.38
C VAL E 100 9.37 -23.97 -22.23
N HIS E 101 8.85 -22.85 -21.74
CA HIS E 101 7.88 -22.85 -20.66
C HIS E 101 6.64 -22.07 -21.08
N ASN E 102 5.47 -22.56 -20.68
CA ASN E 102 4.22 -21.94 -21.07
C ASN E 102 4.01 -20.62 -20.33
N ILE E 103 3.47 -19.62 -21.04
CA ILE E 103 3.36 -18.27 -20.51
C ILE E 103 2.52 -18.22 -19.25
N ASN E 104 1.57 -19.14 -19.09
CA ASN E 104 0.67 -19.12 -17.95
C ASN E 104 1.04 -20.14 -16.88
N ASP E 105 2.17 -20.84 -17.03
CA ASP E 105 2.56 -21.91 -16.11
C ASP E 105 3.39 -21.29 -14.99
N MET E 106 2.70 -20.82 -13.94
CA MET E 106 3.37 -20.25 -12.78
C MET E 106 4.12 -21.28 -11.95
N ALA E 107 4.03 -22.56 -12.29
CA ALA E 107 4.75 -23.62 -11.61
C ALA E 107 6.01 -24.04 -12.34
N ALA E 108 6.34 -23.38 -13.45
CA ALA E 108 7.53 -23.71 -14.21
C ALA E 108 8.78 -23.49 -13.35
N PRO E 109 9.88 -24.16 -13.68
CA PRO E 109 11.08 -24.06 -12.82
C PRO E 109 11.61 -22.65 -12.69
N VAL E 110 11.64 -21.87 -13.77
CA VAL E 110 12.22 -20.54 -13.74
C VAL E 110 11.42 -19.55 -12.89
N SER E 111 10.22 -19.93 -12.46
N SER E 111 10.21 -19.92 -12.46
CA SER E 111 9.35 -19.07 -11.66
CA SER E 111 9.39 -19.00 -11.68
C SER E 111 9.81 -18.93 -10.22
C SER E 111 9.83 -18.90 -10.21
N SER E 112 10.82 -19.68 -9.79
CA SER E 112 11.28 -19.70 -8.40
C SER E 112 12.71 -19.19 -8.31
N GLY E 113 12.97 -18.41 -7.25
CA GLY E 113 14.33 -17.95 -6.99
C GLY E 113 15.28 -19.07 -6.66
N SER E 114 14.77 -20.20 -6.17
CA SER E 114 15.60 -21.35 -5.89
C SER E 114 16.19 -21.95 -7.17
N PHE E 115 15.61 -21.64 -8.32
CA PHE E 115 16.12 -22.13 -9.60
C PHE E 115 17.35 -21.32 -9.98
N ARG E 116 18.45 -22.03 -10.25
CA ARG E 116 19.70 -21.36 -10.59
C ARG E 116 19.61 -20.80 -12.01
N ALA E 117 19.92 -19.51 -12.14
CA ALA E 117 19.92 -18.84 -13.43
C ALA E 117 20.85 -17.64 -13.36
N ASP E 118 21.44 -17.28 -14.50
CA ASP E 118 22.43 -16.21 -14.56
C ASP E 118 21.88 -14.91 -15.10
N GLY E 119 20.62 -14.88 -15.54
CA GLY E 119 20.06 -13.65 -16.04
C GLY E 119 18.86 -13.89 -16.92
N MET E 120 18.30 -12.78 -17.40
CA MET E 120 17.08 -12.80 -18.20
C MET E 120 17.08 -11.59 -19.13
N ILE E 121 16.63 -11.82 -20.36
CA ILE E 121 16.45 -10.74 -21.32
C ILE E 121 15.04 -10.84 -21.88
N VAL E 122 14.32 -9.72 -21.90
CA VAL E 122 13.00 -9.64 -22.48
C VAL E 122 13.15 -8.88 -23.80
N VAL E 123 13.04 -9.61 -24.91
CA VAL E 123 13.40 -9.04 -26.20
C VAL E 123 12.45 -9.55 -27.28
N PRO E 124 11.64 -8.68 -27.90
CA PRO E 124 11.49 -7.27 -27.50
C PRO E 124 10.57 -7.16 -26.30
N CYS E 125 10.61 -6.02 -25.60
CA CYS E 125 9.81 -5.82 -24.40
C CYS E 125 8.74 -4.77 -24.67
N SER E 126 7.48 -5.15 -24.52
CA SER E 126 6.38 -4.23 -24.70
C SER E 126 6.28 -3.27 -23.51
N MET E 127 5.53 -2.19 -23.71
CA MET E 127 5.23 -1.29 -22.60
C MET E 127 4.37 -1.98 -21.55
N LYS E 128 3.48 -2.89 -21.99
CA LYS E 128 2.66 -3.64 -21.04
C LYS E 128 3.51 -4.48 -20.11
N THR E 129 4.47 -5.22 -20.66
CA THR E 129 5.33 -6.06 -19.83
C THR E 129 6.29 -5.23 -18.99
N LEU E 130 6.80 -4.13 -19.56
CA LEU E 130 7.58 -3.18 -18.76
C LEU E 130 6.79 -2.70 -17.56
N ALA E 131 5.51 -2.40 -17.76
CA ALA E 131 4.68 -1.91 -16.66
C ALA E 131 4.34 -3.02 -15.67
N ALA E 132 4.14 -4.25 -16.16
CA ALA E 132 3.93 -5.36 -15.24
C ALA E 132 5.13 -5.55 -14.32
N ILE E 133 6.34 -5.45 -14.86
CA ILE E 133 7.54 -5.60 -14.04
C ILE E 133 7.70 -4.41 -13.10
N HIS E 134 7.47 -3.20 -13.59
CA HIS E 134 7.60 -2.02 -12.75
C HIS E 134 6.58 -2.03 -11.62
N SER E 135 5.32 -2.32 -11.94
CA SER E 135 4.27 -2.31 -10.93
C SER E 135 4.40 -3.48 -9.98
N GLY E 136 4.98 -4.58 -10.44
CA GLY E 136 5.03 -5.82 -9.68
C GLY E 136 3.87 -6.76 -9.93
N PHE E 137 2.95 -6.40 -10.82
CA PHE E 137 1.80 -7.25 -11.16
C PHE E 137 2.31 -8.40 -12.02
N CYS E 138 2.82 -9.45 -11.37
N CYS E 138 2.81 -9.44 -11.36
CA CYS E 138 3.46 -10.57 -12.03
CA CYS E 138 3.46 -10.57 -12.04
C CYS E 138 2.45 -11.70 -12.20
C CYS E 138 2.45 -11.70 -12.21
N ASP E 139 1.55 -11.52 -13.17
CA ASP E 139 0.46 -12.46 -13.41
C ASP E 139 0.70 -13.41 -14.58
N ASP E 140 1.88 -13.38 -15.19
CA ASP E 140 2.28 -14.43 -16.13
C ASP E 140 3.74 -14.78 -15.87
N LEU E 141 4.22 -15.80 -16.57
CA LEU E 141 5.55 -16.35 -16.29
C LEU E 141 6.66 -15.37 -16.64
N ILE E 142 6.47 -14.52 -17.64
CA ILE E 142 7.50 -13.56 -18.00
C ILE E 142 7.69 -12.53 -16.89
N SER E 143 6.60 -11.92 -16.43
CA SER E 143 6.70 -10.90 -15.40
C SER E 143 7.11 -11.48 -14.05
N ARG E 144 6.66 -12.70 -13.74
CA ARG E 144 7.06 -13.30 -12.46
C ARG E 144 8.54 -13.67 -12.47
N THR E 145 9.03 -14.23 -13.57
CA THR E 145 10.45 -14.57 -13.65
C THR E 145 11.31 -13.30 -13.58
N ALA E 146 10.89 -12.23 -14.26
CA ALA E 146 11.60 -10.97 -14.13
C ALA E 146 11.52 -10.45 -12.70
N ASP E 147 10.35 -10.54 -12.07
CA ASP E 147 10.21 -10.17 -10.67
C ASP E 147 11.18 -10.95 -9.80
N VAL E 148 11.38 -12.24 -10.12
CA VAL E 148 12.30 -13.07 -9.35
C VAL E 148 13.75 -12.66 -9.62
N MET E 149 14.09 -12.38 -10.87
CA MET E 149 15.45 -11.94 -11.20
C MET E 149 15.83 -10.70 -10.42
N LEU E 150 14.89 -9.75 -10.26
CA LEU E 150 15.20 -8.53 -9.53
C LEU E 150 15.45 -8.80 -8.06
N LYS E 151 14.63 -9.66 -7.44
CA LYS E 151 14.77 -9.94 -6.02
C LYS E 151 16.01 -10.77 -5.72
N GLU E 152 16.43 -11.63 -6.65
CA GLU E 152 17.63 -12.42 -6.49
C GLU E 152 18.88 -11.68 -6.95
N ARG E 153 18.74 -10.44 -7.41
CA ARG E 153 19.86 -9.60 -7.84
C ARG E 153 20.59 -10.22 -9.04
N ARG E 154 19.82 -10.69 -10.01
CA ARG E 154 20.37 -11.20 -11.25
C ARG E 154 20.10 -10.22 -12.40
N ARG E 155 20.97 -10.26 -13.41
CA ARG E 155 20.90 -9.30 -14.50
C ARG E 155 19.59 -9.47 -15.28
N LEU E 156 18.86 -8.36 -15.43
CA LEU E 156 17.61 -8.34 -16.19
C LEU E 156 17.70 -7.22 -17.22
N VAL E 157 17.56 -7.58 -18.49
CA VAL E 157 17.65 -6.62 -19.60
C VAL E 157 16.29 -6.55 -20.29
N LEU E 158 15.75 -5.35 -20.41
CA LEU E 158 14.47 -5.11 -21.05
C LEU E 158 14.71 -4.35 -22.35
N VAL E 159 14.51 -5.02 -23.48
CA VAL E 159 14.63 -4.37 -24.78
C VAL E 159 13.32 -3.66 -25.06
N ALA E 160 13.07 -2.57 -24.31
CA ALA E 160 11.78 -1.89 -24.37
C ALA E 160 11.66 -1.10 -25.67
N ARG E 161 10.64 -1.41 -26.47
CA ARG E 161 10.47 -0.82 -27.79
C ARG E 161 9.15 -0.07 -27.83
N GLU E 162 9.23 1.26 -27.94
CA GLU E 162 8.08 2.13 -28.08
C GLU E 162 8.57 3.52 -28.45
N THR E 163 7.81 4.22 -29.29
CA THR E 163 8.12 5.60 -29.61
C THR E 163 6.89 6.28 -30.15
N PRO E 164 6.62 7.56 -29.81
CA PRO E 164 7.36 8.28 -28.77
C PRO E 164 7.01 7.76 -27.39
N LEU E 165 7.70 8.24 -26.36
CA LEU E 165 7.49 7.77 -25.00
C LEU E 165 6.65 8.78 -24.23
N SER E 166 5.70 8.26 -23.45
CA SER E 166 4.93 9.09 -22.54
C SER E 166 5.65 9.21 -21.20
N GLU E 167 5.11 10.05 -20.33
CA GLU E 167 5.65 10.13 -18.98
C GLU E 167 5.44 8.82 -18.23
N ILE E 168 4.36 8.10 -18.52
CA ILE E 168 4.14 6.78 -17.93
C ILE E 168 5.30 5.85 -18.28
N HIS E 169 5.62 5.73 -19.57
CA HIS E 169 6.70 4.85 -20.00
C HIS E 169 8.01 5.22 -19.34
N LEU E 170 8.32 6.52 -19.29
CA LEU E 170 9.62 6.95 -18.78
C LEU E 170 9.69 6.80 -17.27
N ARG E 171 8.59 7.06 -16.57
CA ARG E 171 8.54 6.77 -15.14
C ARG E 171 8.80 5.29 -14.87
N ASN E 172 8.17 4.42 -15.65
CA ASN E 172 8.38 2.98 -15.47
C ASN E 172 9.80 2.58 -15.77
N MET E 173 10.38 3.14 -16.84
CA MET E 173 11.77 2.85 -17.19
C MET E 173 12.73 3.31 -16.10
N LEU E 174 12.55 4.54 -15.62
CA LEU E 174 13.45 5.08 -14.60
C LEU E 174 13.38 4.27 -13.31
N GLU E 175 12.16 4.00 -12.83
CA GLU E 175 12.01 3.35 -11.54
C GLU E 175 12.34 1.86 -11.59
N VAL E 176 12.11 1.19 -12.74
CA VAL E 176 12.54 -0.20 -12.85
C VAL E 176 14.06 -0.27 -12.97
N THR E 177 14.68 0.77 -13.53
CA THR E 177 16.14 0.82 -13.59
C THR E 177 16.74 0.91 -12.19
N ARG E 178 16.17 1.80 -11.36
CA ARG E 178 16.64 1.92 -9.98
C ARG E 178 16.44 0.62 -9.21
N ALA E 179 15.43 -0.18 -9.59
CA ALA E 179 15.21 -1.48 -8.98
C ALA E 179 16.17 -2.54 -9.49
N GLY E 180 16.96 -2.26 -10.52
CA GLY E 180 17.97 -3.20 -10.96
C GLY E 180 17.97 -3.53 -12.44
N ALA E 181 16.89 -3.22 -13.15
CA ALA E 181 16.78 -3.62 -14.54
C ALA E 181 17.59 -2.68 -15.44
N VAL E 182 17.87 -3.17 -16.65
CA VAL E 182 18.59 -2.40 -17.67
C VAL E 182 17.66 -2.18 -18.85
N ILE E 183 17.40 -0.92 -19.17
CA ILE E 183 16.57 -0.55 -20.31
C ILE E 183 17.47 -0.47 -21.55
N PHE E 184 17.15 -1.27 -22.57
CA PHE E 184 17.92 -1.32 -23.82
C PHE E 184 16.98 -1.01 -24.98
N PRO E 185 16.79 0.26 -25.31
CA PRO E 185 16.02 0.60 -26.52
C PRO E 185 16.74 0.09 -27.75
N PRO E 186 16.05 -0.64 -28.63
CA PRO E 186 16.75 -1.19 -29.81
C PRO E 186 16.92 -0.15 -30.92
N VAL E 187 17.74 0.86 -30.64
CA VAL E 187 17.99 1.94 -31.60
C VAL E 187 19.19 1.57 -32.45
N PRO E 188 19.10 1.71 -33.78
CA PRO E 188 20.18 1.23 -34.65
C PRO E 188 21.44 2.07 -34.50
N ALA E 189 22.59 1.41 -34.66
CA ALA E 189 23.90 2.06 -34.63
C ALA E 189 24.34 2.24 -36.08
N PHE E 190 24.00 3.39 -36.66
CA PHE E 190 24.30 3.63 -38.07
C PHE E 190 25.78 3.82 -38.32
N TYR E 191 26.59 4.10 -37.29
CA TYR E 191 28.01 4.35 -37.49
C TYR E 191 28.76 3.10 -37.94
N ILE E 192 28.17 1.91 -37.81
CA ILE E 192 28.82 0.70 -38.31
C ILE E 192 28.78 0.62 -39.82
N LYS E 193 28.05 1.52 -40.48
CA LYS E 193 27.93 1.56 -41.94
C LYS E 193 27.41 0.21 -42.47
N ALA E 194 26.18 -0.11 -42.08
CA ALA E 194 25.57 -1.38 -42.40
C ALA E 194 25.14 -1.43 -43.86
N GLY E 195 24.94 -2.66 -44.35
CA GLY E 195 24.50 -2.86 -45.72
C GLY E 195 23.11 -3.44 -45.81
N SER E 196 22.54 -3.83 -44.68
CA SER E 196 21.22 -4.43 -44.66
C SER E 196 20.60 -4.23 -43.28
N ILE E 197 19.30 -4.48 -43.19
CA ILE E 197 18.61 -4.42 -41.90
C ILE E 197 19.22 -5.43 -40.94
N GLU E 198 19.59 -6.60 -41.45
CA GLU E 198 20.14 -7.66 -40.59
C GLU E 198 21.47 -7.26 -39.97
N ASP E 199 22.28 -6.47 -40.68
CA ASP E 199 23.55 -6.01 -40.11
C ASP E 199 23.32 -5.17 -38.86
N LEU E 200 22.32 -4.29 -38.89
CA LEU E 200 22.04 -3.47 -37.72
C LEU E 200 21.46 -4.31 -36.59
N ILE E 201 20.62 -5.30 -36.91
CA ILE E 201 20.08 -6.18 -35.89
C ILE E 201 21.19 -6.94 -35.20
N ASP E 202 22.14 -7.49 -35.98
CA ASP E 202 23.25 -8.23 -35.41
C ASP E 202 24.05 -7.38 -34.43
N GLN E 203 24.24 -6.10 -34.74
CA GLN E 203 24.96 -5.22 -33.83
C GLN E 203 24.18 -5.00 -32.54
N SER E 204 22.87 -4.78 -32.64
CA SER E 204 22.05 -4.62 -31.45
C SER E 204 22.12 -5.87 -30.57
N VAL E 205 22.01 -7.05 -31.18
CA VAL E 205 22.03 -8.29 -30.42
C VAL E 205 23.36 -8.44 -29.69
N GLY E 206 24.47 -8.15 -30.37
CA GLY E 206 25.77 -8.24 -29.71
C GLY E 206 25.92 -7.30 -28.54
N ARG E 207 25.40 -6.07 -28.69
CA ARG E 207 25.47 -5.12 -27.59
C ARG E 207 24.54 -5.51 -26.43
N MET E 208 23.41 -6.13 -26.75
CA MET E 208 22.54 -6.68 -25.71
C MET E 208 23.30 -7.69 -24.85
N LEU E 209 23.95 -8.66 -25.49
CA LEU E 209 24.59 -9.75 -24.77
C LEU E 209 25.90 -9.30 -24.11
N ASP E 210 26.43 -8.13 -24.49
CA ASP E 210 27.54 -7.55 -23.74
C ASP E 210 27.18 -7.37 -22.28
N LEU E 211 25.89 -7.14 -21.99
CA LEU E 211 25.45 -6.92 -20.61
C LEU E 211 25.48 -8.19 -19.79
N PHE E 212 25.58 -9.36 -20.43
CA PHE E 212 25.76 -10.63 -19.74
C PHE E 212 27.20 -11.11 -19.82
N ASP E 213 28.14 -10.21 -20.14
N ASP E 213 28.15 -10.21 -20.13
CA ASP E 213 29.55 -10.53 -20.30
CA ASP E 213 29.56 -10.56 -20.30
C ASP E 213 29.74 -11.64 -21.33
C ASP E 213 29.73 -11.68 -21.33
N LEU E 214 29.03 -11.53 -22.45
CA LEU E 214 29.13 -12.45 -23.56
C LEU E 214 29.54 -11.68 -24.80
N ASP E 215 30.36 -12.31 -25.64
CA ASP E 215 30.91 -11.67 -26.84
C ASP E 215 30.50 -12.50 -28.05
N THR E 216 29.52 -12.01 -28.81
CA THR E 216 29.12 -12.70 -30.03
C THR E 216 30.24 -12.69 -31.07
N GLY E 217 31.05 -11.64 -31.10
CA GLY E 217 32.16 -11.55 -32.02
C GLY E 217 31.76 -11.47 -33.48
N ASP E 218 30.48 -11.18 -33.72
N ASP E 218 30.48 -11.20 -33.76
CA ASP E 218 29.93 -11.10 -35.08
CA ASP E 218 30.01 -11.10 -35.13
C ASP E 218 29.54 -9.68 -35.46
C ASP E 218 29.60 -9.68 -35.50
N PHE E 219 30.14 -8.68 -34.81
CA PHE E 219 29.91 -7.29 -35.16
C PHE E 219 31.16 -6.49 -34.84
N GLU E 220 31.34 -5.38 -35.54
CA GLU E 220 32.55 -4.57 -35.43
C GLU E 220 32.38 -3.56 -34.30
N ARG E 221 33.17 -3.72 -33.24
CA ARG E 221 33.17 -2.77 -32.14
C ARG E 221 33.95 -1.52 -32.52
N TRP E 222 33.68 -0.43 -31.80
CA TRP E 222 34.26 0.86 -32.14
C TRP E 222 35.70 0.96 -31.65
N ASN E 223 36.58 1.46 -32.52
CA ASN E 223 37.98 1.70 -32.16
C ASN E 223 38.48 2.88 -32.99
N GLY E 224 37.77 4.01 -32.92
CA GLY E 224 38.12 5.17 -33.70
C GLY E 224 37.54 5.17 -35.09
N TRP E 225 37.81 6.25 -35.81
CA TRP E 225 37.34 6.41 -37.19
C TRP E 225 37.79 5.25 -38.07
N ARG F 39 -11.43 13.19 -43.17
CA ARG F 39 -11.58 14.61 -42.90
C ARG F 39 -12.49 14.84 -41.70
N ARG F 40 -13.20 13.80 -41.30
CA ARG F 40 -14.03 13.85 -40.09
C ARG F 40 -13.17 13.60 -38.86
N ARG F 41 -13.51 14.27 -37.77
CA ARG F 41 -12.78 14.06 -36.53
C ARG F 41 -13.10 12.68 -35.96
N ARG F 42 -12.08 12.00 -35.45
CA ARG F 42 -12.20 10.68 -34.87
C ARG F 42 -12.03 10.76 -33.37
N ILE F 43 -12.96 10.17 -32.63
CA ILE F 43 -12.88 10.08 -31.17
C ILE F 43 -13.14 8.64 -30.76
N VAL F 44 -12.23 8.09 -29.96
CA VAL F 44 -12.41 6.75 -29.40
C VAL F 44 -13.28 6.87 -28.14
N VAL F 45 -14.36 6.10 -28.10
CA VAL F 45 -15.26 6.07 -26.95
C VAL F 45 -15.12 4.69 -26.32
N ALA F 46 -14.60 4.64 -25.10
CA ALA F 46 -14.41 3.40 -24.37
C ALA F 46 -15.33 3.37 -23.16
N MET F 47 -16.02 2.25 -22.95
CA MET F 47 -16.90 2.04 -21.82
C MET F 47 -16.34 0.93 -20.95
N THR F 48 -16.30 1.15 -19.64
CA THR F 48 -15.80 0.18 -18.67
C THR F 48 -16.89 -0.13 -17.65
N GLY F 49 -16.58 -1.06 -16.75
CA GLY F 49 -17.58 -1.61 -15.84
C GLY F 49 -17.83 -0.82 -14.58
N ALA F 50 -17.84 0.50 -14.68
CA ALA F 50 -18.33 1.35 -13.59
C ALA F 50 -19.79 1.68 -13.83
N THR F 51 -20.53 1.90 -12.74
CA THR F 51 -21.93 2.27 -12.88
C THR F 51 -22.04 3.63 -13.56
N GLY F 52 -23.06 3.79 -14.39
CA GLY F 52 -23.20 4.98 -15.19
C GLY F 52 -23.01 4.71 -16.67
N ALA F 53 -23.49 3.56 -17.13
CA ALA F 53 -23.35 3.20 -18.54
C ALA F 53 -24.08 4.18 -19.44
N MET F 54 -25.19 4.76 -18.96
CA MET F 54 -25.94 5.71 -19.77
C MET F 54 -25.10 6.91 -20.18
N LEU F 55 -24.09 7.27 -19.38
CA LEU F 55 -23.21 8.37 -19.74
C LEU F 55 -22.47 8.09 -21.04
N GLY F 56 -21.96 6.86 -21.20
CA GLY F 56 -21.29 6.50 -22.44
C GLY F 56 -22.24 6.40 -23.61
N ILE F 57 -23.45 5.91 -23.37
CA ILE F 57 -24.46 5.82 -24.43
C ILE F 57 -24.80 7.21 -24.95
N LYS F 58 -25.03 8.16 -24.03
CA LYS F 58 -25.37 9.51 -24.45
C LYS F 58 -24.18 10.24 -25.07
N VAL F 59 -22.96 9.87 -24.70
CA VAL F 59 -21.80 10.42 -25.38
C VAL F 59 -21.79 9.99 -26.85
N LEU F 60 -22.08 8.71 -27.10
CA LEU F 60 -22.15 8.22 -28.47
C LEU F 60 -23.24 8.94 -29.26
N ILE F 61 -24.40 9.15 -28.64
CA ILE F 61 -25.49 9.83 -29.32
C ILE F 61 -25.11 11.28 -29.60
N ALA F 62 -24.54 11.97 -28.61
CA ALA F 62 -24.17 13.36 -28.80
C ALA F 62 -23.08 13.52 -29.84
N LEU F 63 -22.12 12.60 -29.87
CA LEU F 63 -21.02 12.69 -30.83
C LEU F 63 -21.52 12.44 -32.25
N ARG F 64 -22.43 11.48 -32.42
CA ARG F 64 -23.01 11.27 -33.74
C ARG F 64 -23.74 12.50 -34.24
N ARG F 65 -24.51 13.16 -33.36
CA ARG F 65 -25.17 14.38 -33.77
CA ARG F 65 -25.16 14.42 -33.69
C ARG F 65 -24.17 15.43 -34.23
N LEU F 66 -22.97 15.47 -33.66
CA LEU F 66 -21.94 16.43 -34.01
C LEU F 66 -21.06 15.97 -35.17
N ASN F 67 -21.47 14.91 -35.88
CA ASN F 67 -20.78 14.44 -37.09
C ASN F 67 -19.35 13.97 -36.79
N VAL F 68 -19.14 13.42 -35.59
CA VAL F 68 -17.84 12.88 -35.22
C VAL F 68 -17.84 11.38 -35.48
N GLU F 69 -16.79 10.89 -36.14
CA GLU F 69 -16.62 9.46 -36.38
C GLU F 69 -16.17 8.80 -35.08
N THR F 70 -17.02 7.94 -34.52
CA THR F 70 -16.75 7.32 -33.23
C THR F 70 -16.27 5.89 -33.39
N HIS F 71 -15.32 5.51 -32.54
CA HIS F 71 -14.79 4.15 -32.48
C HIS F 71 -15.04 3.63 -31.07
N LEU F 72 -15.94 2.66 -30.94
CA LEU F 72 -16.38 2.17 -29.64
C LEU F 72 -15.61 0.93 -29.24
N VAL F 73 -15.19 0.90 -27.97
CA VAL F 73 -14.66 -0.31 -27.33
C VAL F 73 -15.37 -0.46 -25.99
N MET F 74 -15.94 -1.65 -25.75
CA MET F 74 -16.64 -1.96 -24.52
C MET F 74 -15.90 -3.07 -23.80
N SER F 75 -15.67 -2.90 -22.50
CA SER F 75 -15.10 -3.97 -21.70
C SER F 75 -16.19 -5.00 -21.38
N LYS F 76 -15.74 -6.16 -20.89
CA LYS F 76 -16.67 -7.24 -20.56
C LYS F 76 -17.65 -6.80 -19.48
N TRP F 77 -17.17 -6.11 -18.45
CA TRP F 77 -18.07 -5.69 -17.38
C TRP F 77 -18.84 -4.43 -17.74
N ALA F 78 -18.43 -3.70 -18.77
CA ALA F 78 -19.28 -2.63 -19.29
C ALA F 78 -20.53 -3.20 -19.94
N GLU F 79 -20.38 -4.30 -20.70
CA GLU F 79 -21.54 -4.94 -21.32
C GLU F 79 -22.51 -5.44 -20.26
N ALA F 80 -21.99 -6.05 -19.19
CA ALA F 80 -22.86 -6.48 -18.10
C ALA F 80 -23.56 -5.29 -17.44
N THR F 81 -22.83 -4.18 -17.27
CA THR F 81 -23.42 -3.00 -16.65
C THR F 81 -24.49 -2.37 -17.54
N ILE F 82 -24.23 -2.32 -18.85
CA ILE F 82 -25.24 -1.81 -19.79
C ILE F 82 -26.53 -2.61 -19.66
N LYS F 83 -26.43 -3.94 -19.61
CA LYS F 83 -27.62 -4.78 -19.53
C LYS F 83 -28.36 -4.58 -18.21
N TYR F 84 -27.62 -4.35 -17.11
CA TYR F 84 -28.26 -4.33 -15.80
C TYR F 84 -29.02 -3.04 -15.56
N GLU F 85 -28.38 -1.89 -15.77
CA GLU F 85 -28.95 -0.62 -15.33
C GLU F 85 -29.55 0.21 -16.47
N THR F 86 -29.53 -0.27 -17.71
CA THR F 86 -30.14 0.45 -18.81
C THR F 86 -31.10 -0.47 -19.56
N ASP F 87 -31.92 0.14 -20.41
CA ASP F 87 -32.80 -0.58 -21.32
C ASP F 87 -32.12 -0.91 -22.64
N TYR F 88 -30.83 -0.64 -22.75
CA TYR F 88 -30.07 -0.93 -23.97
C TYR F 88 -29.43 -2.30 -23.88
N HIS F 89 -29.36 -2.97 -24.99
CA HIS F 89 -28.53 -4.14 -25.19
C HIS F 89 -27.22 -3.72 -25.83
N PRO F 90 -26.10 -4.39 -25.52
CA PRO F 90 -24.82 -4.01 -26.15
C PRO F 90 -24.90 -3.93 -27.67
N SER F 91 -25.77 -4.72 -28.29
CA SER F 91 -25.97 -4.61 -29.73
C SER F 91 -26.56 -3.25 -30.10
N ASN F 92 -27.45 -2.73 -29.28
CA ASN F 92 -27.99 -1.39 -29.51
C ASN F 92 -26.89 -0.33 -29.38
N VAL F 93 -26.03 -0.47 -28.38
CA VAL F 93 -24.95 0.49 -28.17
C VAL F 93 -23.97 0.45 -29.33
N ARG F 94 -23.65 -0.75 -29.84
CA ARG F 94 -22.75 -0.86 -30.98
C ARG F 94 -23.33 -0.17 -32.21
N ALA F 95 -24.65 -0.17 -32.35
CA ALA F 95 -25.27 0.49 -33.50
C ALA F 95 -25.17 2.01 -33.41
N LEU F 96 -24.95 2.56 -32.22
CA LEU F 96 -24.78 4.00 -32.06
C LEU F 96 -23.39 4.48 -32.49
N ALA F 97 -22.45 3.57 -32.75
CA ALA F 97 -21.09 3.93 -33.08
C ALA F 97 -20.80 3.63 -34.54
N ASP F 98 -19.85 4.38 -35.10
CA ASP F 98 -19.46 4.17 -36.49
C ASP F 98 -18.60 2.93 -36.64
N TYR F 99 -17.72 2.67 -35.68
CA TYR F 99 -16.86 1.49 -35.70
C TYR F 99 -16.79 0.89 -34.31
N VAL F 100 -16.73 -0.44 -34.25
CA VAL F 100 -16.65 -1.18 -33.00
C VAL F 100 -15.43 -2.08 -33.08
N HIS F 101 -14.63 -2.10 -32.01
CA HIS F 101 -13.44 -2.93 -31.92
C HIS F 101 -13.51 -3.84 -30.71
N ASN F 102 -13.00 -5.05 -30.85
CA ASN F 102 -13.04 -6.04 -29.78
C ASN F 102 -12.05 -5.66 -28.68
N ILE F 103 -12.49 -5.80 -27.43
CA ILE F 103 -11.67 -5.46 -26.27
C ILE F 103 -10.36 -6.24 -26.27
N ASN F 104 -10.35 -7.45 -26.84
CA ASN F 104 -9.17 -8.30 -26.83
C ASN F 104 -8.30 -8.13 -28.07
N ASP F 105 -8.68 -7.26 -29.01
CA ASP F 105 -8.01 -7.17 -30.30
C ASP F 105 -6.95 -6.07 -30.23
N MET F 106 -5.73 -6.48 -29.86
CA MET F 106 -4.60 -5.55 -29.83
C MET F 106 -4.08 -5.20 -31.21
N ALA F 107 -4.62 -5.81 -32.26
CA ALA F 107 -4.28 -5.45 -33.63
C ALA F 107 -5.28 -4.49 -34.25
N ALA F 108 -6.26 -4.03 -33.49
CA ALA F 108 -7.25 -3.08 -33.98
C ALA F 108 -6.55 -1.78 -34.41
N PRO F 109 -7.17 -1.04 -35.32
CA PRO F 109 -6.52 0.18 -35.83
C PRO F 109 -6.21 1.22 -34.75
N VAL F 110 -7.12 1.39 -33.78
CA VAL F 110 -6.93 2.42 -32.76
C VAL F 110 -5.79 2.12 -31.80
N SER F 111 -5.21 0.92 -31.87
N SER F 111 -5.20 0.93 -31.86
CA SER F 111 -4.13 0.53 -30.96
CA SER F 111 -4.14 0.56 -30.94
C SER F 111 -2.77 1.10 -31.36
C SER F 111 -2.77 1.09 -31.37
N SER F 112 -2.65 1.68 -32.55
CA SER F 112 -1.39 2.19 -33.05
C SER F 112 -1.37 3.71 -33.06
N GLY F 113 -0.24 4.29 -32.66
CA GLY F 113 -0.08 5.74 -32.73
C GLY F 113 -0.07 6.27 -34.14
N SER F 114 0.23 5.42 -35.13
CA SER F 114 0.17 5.83 -36.53
C SER F 114 -1.26 6.03 -37.01
N PHE F 115 -2.25 5.64 -36.22
CA PHE F 115 -3.66 5.80 -36.58
C PHE F 115 -4.13 7.19 -36.21
N ARG F 116 -4.67 7.91 -37.17
CA ARG F 116 -5.14 9.27 -36.93
C ARG F 116 -6.36 9.25 -36.01
N ALA F 117 -6.27 9.98 -34.91
CA ALA F 117 -7.39 10.15 -33.99
C ALA F 117 -7.20 11.47 -33.27
N ASP F 118 -8.30 12.06 -32.83
CA ASP F 118 -8.27 13.38 -32.20
C ASP F 118 -8.50 13.34 -30.71
N GLY F 119 -8.80 12.18 -30.13
CA GLY F 119 -9.02 12.10 -28.71
C GLY F 119 -9.69 10.80 -28.31
N MET F 120 -9.81 10.63 -27.00
CA MET F 120 -10.40 9.44 -26.43
C MET F 120 -11.08 9.81 -25.13
N ILE F 121 -12.24 9.22 -24.88
CA ILE F 121 -12.97 9.41 -23.63
C ILE F 121 -13.36 8.05 -23.10
N VAL F 122 -12.98 7.76 -21.86
CA VAL F 122 -13.38 6.54 -21.16
C VAL F 122 -14.57 6.91 -20.28
N VAL F 123 -15.75 6.43 -20.64
CA VAL F 123 -16.97 6.89 -19.99
C VAL F 123 -17.99 5.75 -19.89
N PRO F 124 -18.32 5.28 -18.69
CA PRO F 124 -17.64 5.69 -17.45
C PRO F 124 -16.31 4.95 -17.30
N CYS F 125 -15.43 5.45 -16.44
CA CYS F 125 -14.11 4.87 -16.24
C CYS F 125 -14.04 4.24 -14.84
N SER F 126 -13.80 2.94 -14.79
CA SER F 126 -13.66 2.26 -13.52
C SER F 126 -12.31 2.59 -12.89
N MET F 127 -12.20 2.32 -11.59
CA MET F 127 -10.93 2.44 -10.90
C MET F 127 -9.91 1.46 -11.46
N LYS F 128 -10.36 0.27 -11.84
CA LYS F 128 -9.47 -0.72 -12.45
C LYS F 128 -8.82 -0.16 -13.71
N THR F 129 -9.63 0.39 -14.62
CA THR F 129 -9.10 0.93 -15.88
C THR F 129 -8.29 2.20 -15.63
N LEU F 130 -8.68 3.02 -14.65
CA LEU F 130 -7.84 4.15 -14.27
C LEU F 130 -6.46 3.68 -13.83
N ALA F 131 -6.40 2.56 -13.10
CA ALA F 131 -5.12 2.06 -12.62
C ALA F 131 -4.31 1.42 -13.74
N ALA F 132 -4.98 0.73 -14.67
CA ALA F 132 -4.29 0.20 -15.84
C ALA F 132 -3.62 1.31 -16.63
N ILE F 133 -4.30 2.45 -16.79
CA ILE F 133 -3.72 3.57 -17.53
C ILE F 133 -2.62 4.22 -16.72
N HIS F 134 -2.84 4.41 -15.41
CA HIS F 134 -1.81 5.00 -14.57
C HIS F 134 -0.54 4.14 -14.53
N SER F 135 -0.71 2.84 -14.26
CA SER F 135 0.44 1.96 -14.16
C SER F 135 1.12 1.72 -15.49
N GLY F 136 0.38 1.86 -16.59
CA GLY F 136 0.88 1.50 -17.90
C GLY F 136 0.63 0.06 -18.31
N PHE F 137 -0.01 -0.74 -17.47
CA PHE F 137 -0.31 -2.14 -17.77
C PHE F 137 -1.43 -2.17 -18.79
N CYS F 138 -1.05 -2.04 -20.06
N CYS F 138 -1.05 -2.04 -20.06
CA CYS F 138 -2.00 -1.90 -21.16
CA CYS F 138 -2.00 -1.90 -21.16
C CYS F 138 -2.23 -3.27 -21.80
C CYS F 138 -2.23 -3.27 -21.80
N ASP F 139 -3.04 -4.09 -21.14
CA ASP F 139 -3.27 -5.47 -21.57
C ASP F 139 -4.62 -5.69 -22.24
N ASP F 140 -5.41 -4.64 -22.47
CA ASP F 140 -6.59 -4.74 -23.33
C ASP F 140 -6.63 -3.50 -24.24
N LEU F 141 -7.62 -3.48 -25.13
CA LEU F 141 -7.65 -2.44 -26.15
C LEU F 141 -7.95 -1.07 -25.57
N ILE F 142 -8.71 -1.00 -24.47
CA ILE F 142 -9.02 0.30 -23.87
C ILE F 142 -7.76 0.93 -23.28
N SER F 143 -7.04 0.17 -22.43
CA SER F 143 -5.87 0.74 -21.77
C SER F 143 -4.74 1.00 -22.77
N ARG F 144 -4.59 0.13 -23.77
CA ARG F 144 -3.53 0.35 -24.76
C ARG F 144 -3.81 1.58 -25.62
N THR F 145 -5.06 1.75 -26.04
CA THR F 145 -5.40 2.95 -26.82
C THR F 145 -5.21 4.21 -25.99
N ALA F 146 -5.60 4.17 -24.70
CA ALA F 146 -5.34 5.30 -23.82
C ALA F 146 -3.84 5.53 -23.66
N ASP F 147 -3.07 4.45 -23.51
CA ASP F 147 -1.61 4.55 -23.43
C ASP F 147 -1.05 5.22 -24.68
N VAL F 148 -1.63 4.92 -25.84
CA VAL F 148 -1.17 5.53 -27.09
C VAL F 148 -1.59 6.99 -27.16
N MET F 149 -2.80 7.32 -26.69
CA MET F 149 -3.23 8.72 -26.68
C MET F 149 -2.29 9.58 -25.87
N LEU F 150 -1.81 9.08 -24.72
CA LEU F 150 -0.92 9.87 -23.88
C LEU F 150 0.44 10.08 -24.55
N LYS F 151 0.98 9.05 -25.20
CA LYS F 151 2.30 9.21 -25.81
C LYS F 151 2.23 10.07 -27.06
N GLU F 152 1.11 10.05 -27.77
CA GLU F 152 0.93 10.91 -28.93
C GLU F 152 0.45 12.31 -28.56
N ARG F 153 0.28 12.58 -27.26
CA ARG F 153 -0.14 13.90 -26.78
C ARG F 153 -1.52 14.28 -27.33
N ARG F 154 -2.44 13.31 -27.31
CA ARG F 154 -3.82 13.53 -27.70
C ARG F 154 -4.69 13.59 -26.45
N ARG F 155 -5.81 14.30 -26.56
CA ARG F 155 -6.68 14.54 -25.41
C ARG F 155 -7.31 13.22 -24.94
N LEU F 156 -7.15 12.93 -23.65
CA LEU F 156 -7.71 11.72 -23.03
C LEU F 156 -8.50 12.13 -21.80
N VAL F 157 -9.80 11.87 -21.81
CA VAL F 157 -10.68 12.21 -20.70
C VAL F 157 -11.14 10.92 -20.04
N LEU F 158 -10.98 10.85 -18.72
CA LEU F 158 -11.38 9.69 -17.93
C LEU F 158 -12.52 10.09 -17.01
N VAL F 159 -13.72 9.60 -17.30
CA VAL F 159 -14.88 9.85 -16.45
C VAL F 159 -14.82 8.89 -15.28
N ALA F 160 -13.88 9.14 -14.37
CA ALA F 160 -13.61 8.22 -13.27
C ALA F 160 -14.70 8.32 -12.22
N ARG F 161 -15.41 7.23 -12.01
CA ARG F 161 -16.57 7.20 -11.12
C ARG F 161 -16.29 6.24 -9.97
N GLU F 162 -16.13 6.79 -8.77
CA GLU F 162 -15.97 6.02 -7.55
C GLU F 162 -16.15 6.95 -6.37
N THR F 163 -16.75 6.43 -5.28
CA THR F 163 -16.85 7.20 -4.05
C THR F 163 -17.08 6.24 -2.90
N PRO F 164 -16.48 6.48 -1.72
CA PRO F 164 -15.45 7.50 -1.52
C PRO F 164 -14.15 7.11 -2.19
N LEU F 165 -13.14 7.98 -2.14
CA LEU F 165 -11.87 7.73 -2.81
C LEU F 165 -10.81 7.36 -1.78
N SER F 166 -10.02 6.34 -2.10
CA SER F 166 -8.87 5.98 -1.31
C SER F 166 -7.64 6.77 -1.76
N GLU F 167 -6.55 6.61 -1.01
CA GLU F 167 -5.28 7.21 -1.43
C GLU F 167 -4.79 6.60 -2.74
N ILE F 168 -5.08 5.33 -2.97
CA ILE F 168 -4.71 4.68 -4.23
C ILE F 168 -5.40 5.38 -5.39
N HIS F 169 -6.72 5.57 -5.29
CA HIS F 169 -7.48 6.21 -6.36
C HIS F 169 -6.96 7.62 -6.64
N LEU F 170 -6.69 8.39 -5.58
CA LEU F 170 -6.31 9.79 -5.77
C LEU F 170 -4.88 9.90 -6.29
N ARG F 171 -3.98 9.04 -5.82
CA ARG F 171 -2.63 9.02 -6.38
C ARG F 171 -2.65 8.70 -7.87
N ASN F 172 -3.50 7.74 -8.27
CA ASN F 172 -3.62 7.40 -9.69
C ASN F 172 -4.19 8.57 -10.48
N MET F 173 -5.21 9.24 -9.94
CA MET F 173 -5.80 10.39 -10.62
C MET F 173 -4.78 11.52 -10.78
N LEU F 174 -4.09 11.86 -9.68
CA LEU F 174 -3.13 12.96 -9.73
C LEU F 174 -2.00 12.67 -10.71
N GLU F 175 -1.43 11.47 -10.64
CA GLU F 175 -0.27 11.18 -11.47
C GLU F 175 -0.63 10.92 -12.92
N VAL F 176 -1.83 10.39 -13.21
CA VAL F 176 -2.22 10.26 -14.60
C VAL F 176 -2.61 11.64 -15.17
N THR F 177 -3.04 12.56 -14.30
CA THR F 177 -3.27 13.93 -14.73
C THR F 177 -1.96 14.59 -15.17
N ARG F 178 -0.91 14.42 -14.36
CA ARG F 178 0.40 14.97 -14.72
C ARG F 178 0.92 14.36 -16.02
N ALA F 179 0.53 13.12 -16.33
CA ALA F 179 0.90 12.48 -17.58
C ALA F 179 0.09 13.00 -18.77
N GLY F 180 -0.95 13.78 -18.53
CA GLY F 180 -1.72 14.39 -19.61
C GLY F 180 -3.20 14.07 -19.63
N ALA F 181 -3.69 13.17 -18.77
CA ALA F 181 -5.10 12.83 -18.78
C ALA F 181 -5.92 13.86 -18.01
N VAL F 182 -7.20 13.92 -18.32
CA VAL F 182 -8.17 14.78 -17.63
C VAL F 182 -9.12 13.88 -16.85
N ILE F 183 -9.19 14.09 -15.54
CA ILE F 183 -10.11 13.36 -14.68
C ILE F 183 -11.43 14.14 -14.61
N PHE F 184 -12.52 13.49 -14.99
CA PHE F 184 -13.86 14.09 -15.02
C PHE F 184 -14.79 13.25 -14.17
N PRO F 185 -14.87 13.51 -12.87
CA PRO F 185 -15.88 12.84 -12.05
C PRO F 185 -17.27 13.25 -12.47
N PRO F 186 -18.16 12.30 -12.74
CA PRO F 186 -19.53 12.68 -13.18
C PRO F 186 -20.40 13.14 -12.02
N VAL F 187 -20.07 14.31 -11.48
CA VAL F 187 -20.83 14.88 -10.37
C VAL F 187 -21.91 15.80 -10.93
N PRO F 188 -23.14 15.72 -10.43
CA PRO F 188 -24.23 16.49 -11.05
C PRO F 188 -24.10 17.98 -10.79
N ALA F 189 -24.49 18.76 -11.78
CA ALA F 189 -24.53 20.22 -11.67
C ALA F 189 -25.97 20.60 -11.31
N PHE F 190 -26.25 20.62 -10.00
CA PHE F 190 -27.60 20.88 -9.52
C PHE F 190 -28.04 22.32 -9.77
N TYR F 191 -27.10 23.24 -10.05
CA TYR F 191 -27.47 24.64 -10.22
C TYR F 191 -28.29 24.88 -11.49
N ILE F 192 -28.31 23.92 -12.42
CA ILE F 192 -29.13 24.07 -13.62
C ILE F 192 -30.61 23.96 -13.34
N LYS F 193 -31.00 23.61 -12.11
CA LYS F 193 -32.39 23.41 -11.72
C LYS F 193 -33.07 22.41 -12.67
N ALA F 194 -32.64 21.16 -12.54
CA ALA F 194 -33.05 20.12 -13.46
C ALA F 194 -34.42 19.57 -13.07
N GLY F 195 -35.09 18.96 -14.06
CA GLY F 195 -36.39 18.37 -13.84
C GLY F 195 -36.37 16.86 -13.91
N SER F 196 -35.23 16.29 -14.30
CA SER F 196 -35.13 14.84 -14.42
C SER F 196 -33.67 14.43 -14.32
N ILE F 197 -33.47 13.14 -14.04
CA ILE F 197 -32.13 12.55 -14.07
C ILE F 197 -31.49 12.78 -15.43
N GLU F 198 -32.27 12.63 -16.50
CA GLU F 198 -31.76 12.79 -17.85
C GLU F 198 -31.22 14.18 -18.10
N ASP F 199 -31.83 15.20 -17.49
CA ASP F 199 -31.33 16.56 -17.66
C ASP F 199 -29.93 16.72 -17.09
N LEU F 200 -29.67 16.11 -15.93
CA LEU F 200 -28.35 16.22 -15.32
C LEU F 200 -27.31 15.43 -16.10
N ILE F 201 -27.71 14.29 -16.67
CA ILE F 201 -26.80 13.53 -17.51
C ILE F 201 -26.44 14.32 -18.76
N ASP F 202 -27.44 15.00 -19.35
CA ASP F 202 -27.19 15.81 -20.54
C ASP F 202 -26.18 16.92 -20.27
N GLN F 203 -26.27 17.55 -19.10
CA GLN F 203 -25.32 18.61 -18.76
C GLN F 203 -23.91 18.04 -18.61
N SER F 204 -23.78 16.89 -17.95
CA SER F 204 -22.48 16.25 -17.78
C SER F 204 -21.86 15.91 -19.13
N VAL F 205 -22.65 15.26 -20.00
CA VAL F 205 -22.15 14.89 -21.33
C VAL F 205 -21.68 16.12 -22.09
N GLY F 206 -22.45 17.21 -22.04
CA GLY F 206 -22.05 18.42 -22.72
C GLY F 206 -20.75 19.00 -22.18
N ARG F 207 -20.57 18.96 -20.86
CA ARG F 207 -19.33 19.48 -20.28
C ARG F 207 -18.16 18.55 -20.55
N MET F 208 -18.40 17.24 -20.68
CA MET F 208 -17.35 16.33 -21.11
C MET F 208 -16.84 16.72 -22.49
N LEU F 209 -17.75 16.90 -23.45
CA LEU F 209 -17.36 17.17 -24.82
C LEU F 209 -16.84 18.58 -25.02
N ASP F 210 -17.01 19.46 -24.02
CA ASP F 210 -16.32 20.75 -24.05
C ASP F 210 -14.81 20.56 -24.12
N LEU F 211 -14.30 19.52 -23.45
CA LEU F 211 -12.86 19.27 -23.41
C LEU F 211 -12.29 18.85 -24.76
N PHE F 212 -13.14 18.47 -25.71
CA PHE F 212 -12.72 18.25 -27.10
C PHE F 212 -13.09 19.43 -28.00
N ASP F 213 -13.42 20.58 -27.40
N ASP F 213 -13.41 20.58 -27.41
CA ASP F 213 -13.87 21.76 -28.13
CA ASP F 213 -13.86 21.76 -28.15
C ASP F 213 -15.07 21.44 -29.02
C ASP F 213 -15.07 21.40 -29.03
N LEU F 214 -16.05 20.77 -28.41
CA LEU F 214 -17.32 20.45 -29.06
C LEU F 214 -18.45 21.05 -28.24
N ASP F 215 -19.47 21.56 -28.93
CA ASP F 215 -20.61 22.20 -28.28
C ASP F 215 -21.87 21.43 -28.66
N THR F 216 -22.40 20.66 -27.71
CA THR F 216 -23.64 19.93 -27.96
C THR F 216 -24.81 20.90 -28.12
N GLY F 217 -24.81 22.00 -27.37
CA GLY F 217 -25.91 22.94 -27.43
C GLY F 217 -27.20 22.46 -26.81
N ASP F 218 -27.17 21.38 -26.02
N ASP F 218 -27.12 21.39 -25.99
CA ASP F 218 -28.38 20.85 -25.42
CA ASP F 218 -28.27 20.72 -25.40
C ASP F 218 -28.40 21.01 -23.90
C ASP F 218 -28.45 21.07 -23.92
N PHE F 219 -27.62 21.94 -23.37
CA PHE F 219 -27.64 22.24 -21.94
C PHE F 219 -27.44 23.72 -21.73
N GLU F 220 -27.87 24.20 -20.56
CA GLU F 220 -27.85 25.62 -20.23
C GLU F 220 -26.53 25.95 -19.52
N ARG F 221 -25.66 26.68 -20.20
CA ARG F 221 -24.41 27.12 -19.62
C ARG F 221 -24.65 28.25 -18.63
N TRP F 222 -23.73 28.40 -17.68
CA TRP F 222 -23.88 29.41 -16.65
C TRP F 222 -23.71 30.82 -17.23
N ASN F 223 -24.54 31.74 -16.74
CA ASN F 223 -24.55 33.12 -17.22
C ASN F 223 -25.01 34.07 -16.12
N GLY F 224 -24.68 33.76 -14.86
CA GLY F 224 -25.19 34.50 -13.74
C GLY F 224 -26.51 33.93 -13.26
N TRP F 225 -27.02 34.54 -12.18
CA TRP F 225 -28.30 34.13 -11.60
C TRP F 225 -29.41 34.18 -12.65
C1 DMA G . 38.64 2.86 9.76
O1 DMA G . 38.32 2.15 8.61
C2 DMA G . 38.43 1.96 10.98
C3 DMA G . 39.46 1.38 11.56
C4 DMA G . 39.22 0.49 12.77
C5 DMA G . 40.87 1.60 11.03
PA DMA G . 38.11 3.02 7.22
O1A DMA G . 37.11 4.12 7.47
O2A DMA G . 37.62 2.12 6.11
O3A DMA G . 39.55 3.70 6.82
PB DMA G . 40.16 3.68 5.29
O1B DMA G . 41.57 4.25 5.29
O2B DMA G . 39.29 4.53 4.40
O3B DMA G . 40.19 2.26 4.79
N1 FMN H . 34.66 5.87 11.74
C2 FMN H . 34.43 6.75 10.70
O2 FMN H . 33.29 7.04 10.38
N3 FMN H . 35.50 7.32 10.03
C4 FMN H . 36.80 7.00 10.38
O4 FMN H . 37.75 7.49 9.78
C4A FMN H . 37.03 6.10 11.42
N5 FMN H . 38.32 5.78 11.78
C5A FMN H . 38.55 4.90 12.82
C6 FMN H . 39.86 4.58 13.17
C7 FMN H . 40.09 3.68 14.21
C7M FMN H . 41.51 3.35 14.58
C8 FMN H . 39.03 3.11 14.89
C8M FMN H . 39.29 2.15 16.02
C9 FMN H . 37.72 3.43 14.53
C9A FMN H . 37.48 4.32 13.49
N10 FMN H . 36.18 4.65 13.14
C10 FMN H . 35.96 5.53 12.11
C1' FMN H . 35.02 4.02 13.86
C2' FMN H . 34.41 4.89 14.96
O2' FMN H . 35.35 5.08 16.00
C3' FMN H . 33.17 4.17 15.50
O3' FMN H . 32.19 4.10 14.49
C4' FMN H . 32.59 4.81 16.74
O4' FMN H . 31.33 4.23 17.01
C5' FMN H . 32.39 6.32 16.61
O5' FMN H . 32.02 6.79 17.88
P FMN H . 32.03 8.36 18.24
O1P FMN H . 31.11 8.59 19.41
O2P FMN H . 33.44 8.76 18.57
O3P FMN H . 31.52 9.17 17.06
N1 FMN I . 12.98 -7.28 17.98
C2 FMN I . 12.65 -7.35 16.65
O2 FMN I . 12.76 -6.35 15.94
N3 FMN I . 12.18 -8.53 16.11
C4 FMN I . 12.06 -9.65 16.90
O4 FMN I . 11.66 -10.72 16.42
C4A FMN I . 12.40 -9.58 18.26
N5 FMN I . 12.28 -10.70 19.05
C5A FMN I . 12.61 -10.63 20.40
C6 FMN I . 12.49 -11.76 21.19
C7 FMN I . 12.83 -11.69 22.54
C7M FMN I . 12.68 -12.92 23.40
C8 FMN I . 13.29 -10.50 23.09
C8M FMN I . 13.64 -10.43 24.54
C9 FMN I . 13.41 -9.37 22.28
C9A FMN I . 13.08 -9.43 20.94
N10 FMN I . 13.20 -8.31 20.13
C10 FMN I . 12.86 -8.39 18.79
C1' FMN I . 13.67 -7.01 20.71
C2' FMN I . 15.16 -6.75 20.47
O2' FMN I . 15.91 -7.74 21.15
C3' FMN I . 15.50 -5.37 21.03
O3' FMN I . 14.88 -4.38 20.23
C4' FMN I . 17.01 -5.09 21.08
O4' FMN I . 17.20 -3.73 21.38
C5' FMN I . 17.72 -5.41 19.76
O5' FMN I . 19.10 -5.29 20.03
P FMN I . 20.22 -5.80 18.98
O1P FMN I . 21.48 -5.00 19.23
O2P FMN I . 20.47 -7.27 19.22
O3P FMN I . 19.76 -5.57 17.56
C1 DMA J . 8.36 -19.85 -5.35
O1 DMA J . 9.52 -19.16 -5.70
C2 DMA J . 7.68 -20.32 -6.62
C3 DMA J . 7.61 -21.61 -6.85
C4 DMA J . 6.94 -22.07 -8.13
C5 DMA J . 8.20 -22.61 -5.86
PA DMA J . 10.26 -18.36 -4.47
O1A DMA J . 11.58 -17.80 -4.95
O2A DMA J . 9.32 -17.24 -4.10
O3A DMA J . 10.48 -19.45 -3.24
PB DMA J . 11.64 -19.34 -2.07
O1B DMA J . 11.70 -17.91 -1.58
O2B DMA J . 13.01 -19.73 -2.58
O3B DMA J . 11.29 -20.28 -0.93
P PO4 K . 25.04 -17.70 31.41
O1 PO4 K . 25.99 -17.27 30.31
O2 PO4 K . 23.94 -16.67 31.56
O3 PO4 K . 25.80 -17.81 32.71
O4 PO4 K . 24.44 -19.04 31.07
C1 PEG L . 9.00 -22.69 9.74
O1 PEG L . 9.99 -21.74 10.01
C2 PEG L . 7.87 -22.55 10.74
O2 PEG L . 7.19 -21.34 10.57
C3 PEG L . 5.84 -21.51 10.24
C4 PEG L . 4.92 -20.59 11.05
O4 PEG L . 4.69 -19.38 10.38
N1 FMN M . 4.47 -15.76 -5.42
C2 FMN M . 4.85 -14.94 -4.37
O2 FMN M . 4.82 -13.73 -4.50
N3 FMN M . 5.28 -15.51 -3.18
C4 FMN M . 5.31 -16.89 -3.05
O4 FMN M . 5.68 -17.42 -2.01
C4A FMN M . 4.92 -17.71 -4.11
N5 FMN M . 4.96 -19.08 -3.95
C5A FMN M . 4.57 -19.91 -4.99
C6 FMN M . 4.62 -21.30 -4.84
C7 FMN M . 4.23 -22.15 -5.87
C7M FMN M . 4.28 -23.64 -5.69
C8 FMN M . 3.80 -21.58 -7.08
C8M FMN M . 3.38 -22.47 -8.22
C9 FMN M . 3.77 -20.20 -7.22
C9A FMN M . 4.15 -19.35 -6.19
N10 FMN M . 4.11 -17.96 -6.33
C10 FMN M . 4.50 -17.14 -5.30
C1' FMN M . 3.67 -17.34 -7.63
C2' FMN M . 2.21 -16.92 -7.72
O2' FMN M . 1.36 -18.05 -7.59
C3' FMN M . 1.97 -16.23 -9.06
O3' FMN M . 2.67 -15.00 -9.08
C4' FMN M . 0.49 -15.97 -9.35
O4' FMN M . 0.38 -15.13 -10.47
C5' FMN M . -0.20 -15.28 -8.18
O5' FMN M . -1.57 -15.22 -8.47
P FMN M . -2.65 -14.85 -7.34
O1P FMN M . -3.88 -14.29 -8.01
O2P FMN M . -3.00 -16.10 -6.59
O3P FMN M . -2.10 -13.81 -6.39
C1 DMA N . 8.23 -10.47 20.27
O1 DMA N . 6.94 -9.96 20.08
C2 DMA N . 8.95 -9.66 21.35
C3 DMA N . 9.40 -10.25 22.43
C4 DMA N . 10.11 -9.42 23.50
C5 DMA N . 9.21 -11.75 22.64
PA DMA N . 6.65 -9.05 18.73
O1A DMA N . 7.97 -8.78 18.02
O2A DMA N . 6.02 -7.74 19.12
O3A DMA N . 5.64 -9.84 17.71
PB DMA N . 5.55 -11.49 17.63
O1B DMA N . 6.90 -12.08 17.90
O2B DMA N . 5.10 -11.91 16.25
O3B DMA N . 4.56 -11.98 18.67
C1 DMA O . -8.64 26.77 20.80
O1 DMA O . -8.94 25.41 20.76
C2 DMA O . -9.86 27.57 20.34
C3 DMA O . -10.74 28.01 21.21
C4 DMA O . -11.95 28.81 20.74
C5 DMA O . -10.55 27.74 22.71
PA DMA O . -7.74 24.33 21.10
O1A DMA O . -6.47 24.79 20.43
O2A DMA O . -8.13 22.96 20.59
O3A DMA O . -7.53 24.27 22.73
PB DMA O . -6.32 23.44 23.48
O1B DMA O . -5.59 24.37 24.43
O2B DMA O . -5.34 22.91 22.47
O3B DMA O . -6.92 22.30 24.27
C1 DMA P . -20.42 -0.96 -6.39
O1 DMA P . -19.87 -0.63 -5.15
C2 DMA P . -20.10 -2.42 -6.71
C3 DMA P . -21.05 -3.22 -7.15
C4 DMA P . -20.73 -4.68 -7.46
C5 DMA P . -22.47 -2.69 -7.36
PA DMA P . -19.46 0.95 -4.90
O1A DMA P . -18.39 1.35 -5.89
O2A DMA P . -18.94 1.12 -3.50
O3A DMA P . -20.80 1.89 -5.12
PB DMA P . -21.26 3.08 -4.08
O1B DMA P . -20.08 3.96 -3.77
O2B DMA P . -21.78 2.45 -2.80
O3B DMA P . -22.34 3.92 -4.70
N1 FMN Q . -5.98 28.99 16.85
C2 FMN Q . -4.77 28.33 16.94
O2 FMN Q . -4.23 27.92 15.92
N3 FMN Q . -4.17 28.14 18.17
C4 FMN Q . -4.78 28.60 19.32
O4 FMN Q . -4.24 28.43 20.41
C4A FMN Q . -6.00 29.26 19.24
N5 FMN Q . -6.61 29.73 20.39
C5A FMN Q . -7.83 30.37 20.30
C6 FMN Q . -8.45 30.84 21.45
C7 FMN Q . -9.67 31.50 21.36
C7M FMN Q . -10.34 32.00 22.61
C8 FMN Q . -10.27 31.69 20.13
C8M FMN Q . -11.59 32.40 20.02
C9 FMN Q . -9.65 31.22 18.98
C9A FMN Q . -8.42 30.57 19.05
N10 FMN Q . -7.81 30.11 17.91
C10 FMN Q . -6.60 29.45 18.00
C1' FMN Q . -8.46 30.30 16.57
C2' FMN Q . -7.92 31.50 15.80
O2' FMN Q . -8.21 32.69 16.50
C3' FMN Q . -8.60 31.51 14.43
O3' FMN Q . -8.13 30.45 13.65
C4' FMN Q . -8.41 32.83 13.68
O4' FMN Q . -9.00 32.71 12.41
C5' FMN Q . -6.94 33.21 13.50
O5' FMN Q . -6.90 34.52 12.98
P FMN Q . -5.54 35.35 12.90
O1P FMN Q . -5.58 36.23 11.68
O2P FMN Q . -5.41 36.19 14.15
O3P FMN Q . -4.35 34.43 12.80
C1 PEG R . -26.41 12.41 -7.42
O1 PEG R . -26.64 12.11 -6.07
C2 PEG R . -27.72 12.67 -8.15
O2 PEG R . -27.65 12.12 -9.43
C3 PEG R . -28.06 12.99 -10.46
C4 PEG R . -27.68 12.36 -11.80
O4 PEG R . -26.47 12.89 -12.25
N1 FMN S . 3.26 -2.51 -27.73
C2 FMN S . 4.39 -1.81 -27.38
O2 FMN S . 4.50 -1.40 -26.22
N3 FMN S . 5.39 -1.56 -28.30
C4 FMN S . 5.26 -2.02 -29.59
O4 FMN S . 6.15 -1.81 -30.42
C4A FMN S . 4.12 -2.74 -29.97
N5 FMN S . 3.99 -3.20 -31.25
C5A FMN S . 2.85 -3.91 -31.62
C6 FMN S . 2.71 -4.37 -32.92
C7 FMN S . 1.57 -5.09 -33.29
C7M FMN S . 1.43 -5.59 -34.69
C8 FMN S . 0.58 -5.33 -32.35
C8M FMN S . -0.66 -6.08 -32.73
C9 FMN S . 0.72 -4.85 -31.05
C9A FMN S . 1.85 -4.15 -30.68
N10 FMN S . 2.00 -3.69 -29.39
C10 FMN S . 3.13 -2.98 -29.03
C1' FMN S . 0.91 -3.93 -28.38
C2' FMN S . 1.14 -5.14 -27.49
O2' FMN S . 1.12 -6.32 -28.26
C3' FMN S . 0.01 -5.20 -26.46
O3' FMN S . 0.10 -4.10 -25.59
C4' FMN S . 0.01 -6.48 -25.64
O4' FMN S . -0.97 -6.39 -24.64
C5' FMN S . 1.36 -6.75 -24.98
O5' FMN S . 1.28 -8.02 -24.38
P FMN S . 2.59 -8.82 -23.90
O1P FMN S . 2.20 -9.77 -22.79
O2P FMN S . 3.14 -9.59 -25.08
O3P FMN S . 3.63 -7.85 -23.39
N1 FMN T . -15.84 -0.19 -10.09
C2 FMN T . -15.52 1.14 -9.92
O2 FMN T . -14.35 1.47 -9.81
N3 FMN T . -16.52 2.09 -9.88
C4 FMN T . -17.85 1.71 -10.01
O4 FMN T . -18.75 2.56 -9.99
C4A FMN T . -18.17 0.37 -10.18
N5 FMN T . -19.49 0.01 -10.31
C5A FMN T . -19.82 -1.33 -10.48
C6 FMN T . -21.16 -1.70 -10.62
C7 FMN T . -21.47 -3.04 -10.79
C7M FMN T . -22.91 -3.46 -10.93
C8 FMN T . -20.47 -4.00 -10.82
C8M FMN T . -20.83 -5.45 -11.01
C9 FMN T . -19.14 -3.63 -10.69
C9A FMN T . -18.81 -2.29 -10.52
N10 FMN T . -17.48 -1.91 -10.39
C10 FMN T . -17.16 -0.58 -10.22
C1' FMN T . -16.37 -2.93 -10.42
C2' FMN T . -15.73 -3.05 -11.79
O2' FMN T . -16.69 -3.53 -12.71
C3' FMN T . -14.56 -4.03 -11.72
O3' FMN T . -13.46 -3.43 -11.06
C4' FMN T . -14.13 -4.46 -13.11
O4' FMN T . -12.98 -5.28 -13.00
C5' FMN T . -13.74 -3.28 -13.99
O5' FMN T . -13.33 -3.79 -15.25
P FMN T . -13.23 -2.88 -16.57
O1P FMN T . -12.31 -3.55 -17.57
O2P FMN T . -14.62 -2.73 -17.15
O3P FMN T . -12.67 -1.51 -16.21
C1 DMA U . 2.01 -0.44 -32.28
O1 DMA U . 1.62 0.91 -32.29
C2 DMA U . 0.76 -1.31 -32.45
C3 DMA U . 0.37 -1.71 -33.64
C4 DMA U . -0.88 -2.57 -33.77
C5 DMA U . 1.16 -1.32 -34.90
PA DMA U . 2.81 2.05 -32.33
O1A DMA U . 2.24 3.40 -31.93
O2A DMA U . 3.91 1.65 -31.38
O3A DMA U . 3.40 2.15 -33.86
PB DMA U . 4.80 2.93 -34.26
O1B DMA U . 4.48 4.05 -35.22
O2B DMA U . 5.43 3.49 -33.01
O3B DMA U . 5.75 1.96 -34.91
#